data_7RNI
#
_entry.id   7RNI
#
_cell.length_a   169.058
_cell.length_b   169.058
_cell.length_c   68.846
_cell.angle_alpha   90
_cell.angle_beta   90
_cell.angle_gamma   120
#
_symmetry.space_group_name_H-M   'P 61'
#
loop_
_entity.id
_entity.type
_entity.pdbx_description
1 polymer 'Protein farnesyltransferase/geranylgeranyltransferase type-1 subunit alpha'
2 polymer 'Protein farnesyltransferase subunit beta'
3 non-polymer 'ACETYL GROUP'
4 non-polymer [4-[[3-(2,2-dimethylpropyl)-1~{H}-benzimidazol-2-yl]methyl]piperazin-1-yl]-(1,3,5-trimethylpyrazol-4-yl)methanone
5 non-polymer 'ZINC ION'
6 non-polymer 'MAGNESIUM ION'
7 non-polymer 'DIMETHYLALLYL DIPHOSPHATE'
8 water water
#
loop_
_entity_poly.entity_id
_entity_poly.type
_entity_poly.pdbx_seq_one_letter_code
_entity_poly.pdbx_strand_id
1 'polypeptide(L)'
;MAATEGVGESAPGGEPGQPEQPPPPPPPPPAQQPQEEEMAAEAGEAAASPMDDGFLSLDSPTYVLYRDRAEWADIDPVPQ
NDGPSPVVQIIYSEKFRDVYDYFRAVLQRDERSERAFKLTRDAIELNAANYTVWHFRRVLLRSLQKDLQEEMNYITAIIE
EQPKNYQVWHHRRVLVEWLKDPSQELEFIADILNQDAKNYHAWQHRQWVIQEFRLWDNELQYVDQLLKEDVRNNSVWNQR
HFVISNTTGYSDRAVLEREVQYTLEMIKLVPHNESAWNYLKGILQDRGLSRYPNLLNQLLDLQPSHSSPYLIAFLVDIYE
DMLENQCDNKEDILNKALELCEILAKEKDTIRKEYWRYIGRSLQSKHSRESDIPASV
;
A
2 'polypeptide(L)'
;MASSSSFTYYCPPSSSPVWSEPLYSLRPEHARERLQDDSVETVTSIEQAKVEEKIQEVFSSYKFNHLVPRLVLQREKHFH
YLKRGLRQLTDAYECLDASRPWLCYWILHSLELLDEPIPQIVATDVCQFLELCQSPDGGFGGGPGQYPHLAPTYAAVNAL
CIIGTEEAYNVINREKLLQYLYSLKQPDGSFLMHVGGEVDVRSAYCAASVASLTNIITPDLFEGTAEWIARCQNWEGGIG
GVPGMEAHGGYTFCGLAALVILKKERSLNLKSLLQWVTSRQMRFEGGFQGRCNKLVDGCYSFWQAGLLPLLHRALHAQGD
PALSMSHWMFHQQALQEYILMCCQCPAGGLLDKPGKSRDFYHTCYCLSGLSIAQHFGSGAMLHDVVMGVPENVLQPTHPV
YNIGPDKVIQATTHFLQKPVPGFEECEDAVTSDPATD
;
B
#
# COMPACT_ATOMS: atom_id res chain seq x y z
N GLY A 54 10.99 33.94 -23.67
CA GLY A 54 9.79 33.17 -23.92
C GLY A 54 9.86 31.74 -23.39
N PHE A 55 8.76 30.99 -23.56
CA PHE A 55 8.65 29.60 -23.11
C PHE A 55 9.73 28.68 -23.69
N LEU A 56 10.18 27.74 -22.87
CA LEU A 56 11.15 26.72 -23.26
C LEU A 56 10.79 25.46 -22.51
N SER A 57 10.40 24.40 -23.21
CA SER A 57 10.07 23.13 -22.57
C SER A 57 11.35 22.54 -21.94
N LEU A 58 11.21 21.86 -20.79
CA LEU A 58 12.33 21.24 -20.10
C LEU A 58 13.08 20.25 -20.98
N ASP A 59 12.39 19.58 -21.91
CA ASP A 59 13.02 18.59 -22.79
C ASP A 59 13.26 19.11 -24.23
N SER A 60 13.10 20.42 -24.48
CA SER A 60 13.36 20.96 -25.81
C SER A 60 14.88 20.95 -26.05
N PRO A 61 15.33 20.69 -27.29
CA PRO A 61 16.78 20.70 -27.55
C PRO A 61 17.46 22.06 -27.29
N THR A 62 16.73 23.19 -27.35
CA THR A 62 17.31 24.52 -27.13
C THR A 62 17.11 25.04 -25.70
N TYR A 63 16.80 24.15 -24.75
CA TYR A 63 16.66 24.53 -23.34
C TYR A 63 18.03 25.02 -22.83
N VAL A 64 18.07 26.15 -22.11
CA VAL A 64 19.30 26.67 -21.53
C VAL A 64 19.08 26.75 -20.01
N LEU A 65 20.17 26.58 -19.22
CA LEU A 65 20.06 26.70 -17.76
C LEU A 65 19.61 28.12 -17.37
N TYR A 66 18.90 28.24 -16.27
CA TYR A 66 18.48 29.52 -15.74
C TYR A 66 19.67 30.45 -15.44
N ARG A 67 20.83 29.89 -15.04
N ARG A 67 20.84 29.90 -15.04
CA ARG A 67 22.02 30.72 -14.82
CA ARG A 67 22.01 30.75 -14.82
C ARG A 67 22.56 31.36 -16.12
C ARG A 67 22.50 31.42 -16.13
N ASP A 68 22.09 30.91 -17.31
CA ASP A 68 22.48 31.48 -18.61
C ASP A 68 21.33 32.29 -19.24
N ARG A 69 20.20 32.53 -18.52
CA ARG A 69 19.07 33.30 -19.05
C ARG A 69 19.15 34.74 -18.60
N ALA A 70 19.08 35.68 -19.57
CA ALA A 70 19.14 37.13 -19.34
C ALA A 70 18.04 37.62 -18.39
N GLU A 71 16.79 37.13 -18.55
CA GLU A 71 15.70 37.57 -17.71
C GLU A 71 15.77 37.03 -16.25
N TRP A 72 16.85 36.29 -15.88
CA TRP A 72 17.08 35.77 -14.53
C TRP A 72 18.40 36.30 -13.92
N ALA A 73 19.15 37.17 -14.65
CA ALA A 73 20.46 37.69 -14.20
C ALA A 73 20.42 38.45 -12.87
N ASP A 74 19.27 39.04 -12.51
CA ASP A 74 19.15 39.83 -11.28
C ASP A 74 19.09 39.01 -9.99
N ILE A 75 18.62 37.77 -10.03
CA ILE A 75 18.47 36.97 -8.81
C ILE A 75 19.64 36.00 -8.61
N ASP A 76 20.10 35.86 -7.36
CA ASP A 76 21.18 34.95 -7.03
C ASP A 76 20.56 33.58 -6.72
N PRO A 77 21.08 32.48 -7.30
CA PRO A 77 20.56 31.16 -6.93
C PRO A 77 20.83 30.86 -5.45
N VAL A 78 19.94 30.09 -4.81
CA VAL A 78 20.10 29.70 -3.39
C VAL A 78 20.40 28.20 -3.35
N PRO A 79 21.65 27.81 -3.03
CA PRO A 79 21.98 26.37 -3.03
C PRO A 79 21.31 25.63 -1.89
N GLN A 80 21.19 24.31 -2.05
CA GLN A 80 20.59 23.47 -1.03
C GLN A 80 21.61 23.24 0.08
N ASN A 81 21.19 23.36 1.34
CA ASN A 81 22.06 23.10 2.47
C ASN A 81 21.81 21.66 2.92
N ASP A 82 22.72 20.74 2.59
CA ASP A 82 22.60 19.34 3.02
C ASP A 82 23.45 19.00 4.28
N GLY A 83 24.16 19.99 4.82
CA GLY A 83 25.02 19.79 5.99
C GLY A 83 26.45 19.51 5.60
N PRO A 84 27.40 19.61 6.55
CA PRO A 84 28.81 19.35 6.21
C PRO A 84 29.13 17.86 5.96
N SER A 85 28.33 16.94 6.52
CA SER A 85 28.48 15.48 6.36
C SER A 85 27.16 14.97 5.77
N PRO A 86 27.01 15.04 4.44
CA PRO A 86 25.72 14.64 3.84
C PRO A 86 25.35 13.18 3.94
N VAL A 87 24.05 12.93 4.02
CA VAL A 87 23.47 11.59 4.00
C VAL A 87 22.39 11.60 2.95
N VAL A 88 22.13 10.41 2.35
CA VAL A 88 21.23 10.16 1.23
C VAL A 88 21.29 11.31 0.19
N GLN A 89 22.52 11.76 -0.09
CA GLN A 89 22.78 12.89 -0.95
C GLN A 89 22.70 12.49 -2.42
N ILE A 90 21.77 13.12 -3.13
CA ILE A 90 21.55 12.85 -4.53
C ILE A 90 22.48 13.74 -5.35
N ILE A 91 23.29 13.14 -6.22
CA ILE A 91 24.20 13.89 -7.06
C ILE A 91 23.38 14.34 -8.26
N TYR A 92 22.72 15.46 -8.07
CA TYR A 92 21.85 16.04 -9.08
C TYR A 92 22.60 16.32 -10.38
N SER A 93 21.90 16.20 -11.50
CA SER A 93 22.43 16.63 -12.79
C SER A 93 22.46 18.18 -12.73
N GLU A 94 23.31 18.79 -13.56
CA GLU A 94 23.45 20.25 -13.65
C GLU A 94 22.07 20.92 -13.87
N LYS A 95 21.28 20.37 -14.78
CA LYS A 95 19.94 20.88 -15.11
C LYS A 95 19.01 20.88 -13.88
N PHE A 96 18.99 19.79 -13.12
CA PHE A 96 18.12 19.69 -11.94
C PHE A 96 18.57 20.71 -10.87
N ARG A 97 19.87 20.70 -10.52
CA ARG A 97 20.47 21.58 -9.51
C ARG A 97 20.21 23.05 -9.87
N ASP A 98 20.33 23.41 -11.15
CA ASP A 98 20.10 24.77 -11.62
C ASP A 98 18.65 25.21 -11.38
N VAL A 99 17.66 24.41 -11.80
CA VAL A 99 16.25 24.75 -11.60
C VAL A 99 15.94 24.93 -10.10
N TYR A 100 16.37 23.97 -9.28
CA TYR A 100 16.01 24.00 -7.88
C TYR A 100 16.75 25.08 -7.08
N ASP A 101 17.97 25.49 -7.50
CA ASP A 101 18.63 26.62 -6.85
C ASP A 101 17.88 27.93 -7.15
N TYR A 102 17.29 28.07 -8.35
CA TYR A 102 16.50 29.25 -8.69
C TYR A 102 15.09 29.16 -8.06
N PHE A 103 14.54 27.94 -7.91
CA PHE A 103 13.26 27.76 -7.25
C PHE A 103 13.39 28.16 -5.79
N ARG A 104 14.47 27.72 -5.10
CA ARG A 104 14.67 28.09 -3.69
C ARG A 104 14.80 29.62 -3.56
N ALA A 105 15.40 30.30 -4.54
CA ALA A 105 15.52 31.74 -4.54
C ALA A 105 14.17 32.46 -4.63
N VAL A 106 13.28 32.05 -5.56
CA VAL A 106 11.96 32.70 -5.70
C VAL A 106 11.06 32.36 -4.52
N LEU A 107 11.16 31.14 -3.98
CA LEU A 107 10.35 30.74 -2.83
C LEU A 107 10.76 31.52 -1.57
N GLN A 108 12.06 31.71 -1.34
CA GLN A 108 12.54 32.44 -0.15
C GLN A 108 12.07 33.90 -0.17
N ARG A 109 12.17 34.60 -1.31
CA ARG A 109 11.69 35.99 -1.40
C ARG A 109 10.17 36.09 -1.68
N ASP A 110 9.48 34.96 -1.90
CA ASP A 110 8.06 34.88 -2.23
C ASP A 110 7.73 35.75 -3.46
N GLU A 111 8.50 35.56 -4.54
CA GLU A 111 8.28 36.32 -5.77
C GLU A 111 7.08 35.73 -6.48
N ARG A 112 5.97 36.49 -6.55
CA ARG A 112 4.76 36.02 -7.22
C ARG A 112 4.71 36.64 -8.60
N SER A 113 5.52 36.08 -9.50
CA SER A 113 5.71 36.61 -10.84
C SER A 113 5.46 35.54 -11.92
N GLU A 114 5.35 35.98 -13.17
CA GLU A 114 5.16 35.11 -14.30
C GLU A 114 6.39 34.21 -14.49
N ARG A 115 7.61 34.75 -14.34
CA ARG A 115 8.82 33.94 -14.49
C ARG A 115 8.89 32.83 -13.42
N ALA A 116 8.46 33.11 -12.17
CA ALA A 116 8.45 32.09 -11.12
C ALA A 116 7.46 30.99 -11.49
N PHE A 117 6.30 31.36 -12.05
CA PHE A 117 5.26 30.42 -12.48
C PHE A 117 5.80 29.46 -13.56
N LYS A 118 6.53 29.99 -14.54
CA LYS A 118 7.13 29.15 -15.59
C LYS A 118 8.23 28.25 -14.99
N LEU A 119 9.01 28.77 -14.04
CA LEU A 119 10.03 27.98 -13.36
C LEU A 119 9.42 26.77 -12.61
N THR A 120 8.23 26.93 -11.99
CA THR A 120 7.61 25.79 -11.28
C THR A 120 7.30 24.65 -12.24
N ARG A 121 7.01 24.94 -13.52
CA ARG A 121 6.72 23.89 -14.49
C ARG A 121 7.96 23.01 -14.71
N ASP A 122 9.13 23.64 -14.81
CA ASP A 122 10.39 22.89 -14.97
C ASP A 122 10.72 22.12 -13.70
N ALA A 123 10.51 22.72 -12.52
CA ALA A 123 10.79 22.02 -11.25
C ALA A 123 9.87 20.80 -11.08
N ILE A 124 8.61 20.91 -11.49
CA ILE A 124 7.66 19.79 -11.44
C ILE A 124 8.08 18.70 -12.42
N GLU A 125 8.42 19.07 -13.64
CA GLU A 125 8.80 18.08 -14.64
C GLU A 125 10.09 17.34 -14.23
N LEU A 126 10.97 17.96 -13.42
CA LEU A 126 12.16 17.28 -12.90
C LEU A 126 11.80 16.33 -11.76
N ASN A 127 10.84 16.69 -10.92
CA ASN A 127 10.37 15.81 -9.84
C ASN A 127 8.91 16.16 -9.55
N ALA A 128 7.98 15.44 -10.18
CA ALA A 128 6.55 15.70 -9.98
C ALA A 128 6.06 15.36 -8.59
N ALA A 129 6.87 14.67 -7.75
CA ALA A 129 6.47 14.41 -6.37
C ALA A 129 6.84 15.55 -5.42
N ASN A 130 7.43 16.67 -5.92
CA ASN A 130 7.78 17.76 -5.03
C ASN A 130 6.52 18.59 -4.75
N TYR A 131 5.82 18.21 -3.68
CA TYR A 131 4.59 18.86 -3.24
C TYR A 131 4.82 20.33 -2.82
N THR A 132 6.05 20.72 -2.39
CA THR A 132 6.34 22.13 -2.06
C THR A 132 6.26 22.99 -3.35
N VAL A 133 6.75 22.45 -4.48
CA VAL A 133 6.69 23.18 -5.75
C VAL A 133 5.20 23.29 -6.19
N TRP A 134 4.44 22.19 -6.11
CA TRP A 134 3.01 22.22 -6.45
C TRP A 134 2.25 23.24 -5.62
N HIS A 135 2.57 23.38 -4.32
CA HIS A 135 1.90 24.34 -3.45
C HIS A 135 2.15 25.77 -3.96
N PHE A 136 3.42 26.10 -4.26
CA PHE A 136 3.77 27.41 -4.74
C PHE A 136 3.15 27.67 -6.13
N ARG A 137 3.05 26.63 -7.00
CA ARG A 137 2.41 26.82 -8.31
C ARG A 137 0.93 27.22 -8.12
N ARG A 138 0.20 26.60 -7.18
CA ARG A 138 -1.19 26.99 -6.93
C ARG A 138 -1.31 28.39 -6.30
N VAL A 139 -0.34 28.82 -5.49
CA VAL A 139 -0.32 30.19 -4.96
C VAL A 139 -0.19 31.17 -6.14
N LEU A 140 0.69 30.85 -7.09
CA LEU A 140 0.92 31.69 -8.27
C LEU A 140 -0.28 31.67 -9.22
N LEU A 141 -0.96 30.51 -9.38
CA LEU A 141 -2.15 30.43 -10.25
C LEU A 141 -3.21 31.45 -9.82
N ARG A 142 -3.45 31.59 -8.51
CA ARG A 142 -4.44 32.54 -8.00
C ARG A 142 -3.89 33.97 -7.94
N SER A 143 -2.65 34.17 -7.43
CA SER A 143 -2.08 35.52 -7.36
C SER A 143 -1.99 36.19 -8.73
N LEU A 144 -1.56 35.45 -9.76
CA LEU A 144 -1.42 36.00 -11.11
C LEU A 144 -2.71 35.92 -11.93
N GLN A 145 -3.79 35.31 -11.43
CA GLN A 145 -5.04 35.17 -12.18
C GLN A 145 -4.79 34.45 -13.51
N LYS A 146 -4.11 33.29 -13.43
CA LYS A 146 -3.79 32.52 -14.62
C LYS A 146 -5.04 31.85 -15.14
N ASP A 147 -5.16 31.75 -16.48
CA ASP A 147 -6.26 31.03 -17.13
C ASP A 147 -6.22 29.56 -16.67
N LEU A 148 -7.24 29.12 -15.93
CA LEU A 148 -7.27 27.76 -15.38
C LEU A 148 -7.64 26.71 -16.41
N GLN A 149 -8.19 27.10 -17.58
CA GLN A 149 -8.44 26.13 -18.65
C GLN A 149 -7.08 25.78 -19.29
N GLU A 150 -6.16 26.77 -19.43
CA GLU A 150 -4.81 26.49 -19.92
C GLU A 150 -4.08 25.58 -18.90
N GLU A 151 -4.31 25.79 -17.59
CA GLU A 151 -3.73 24.92 -16.57
C GLU A 151 -4.35 23.51 -16.64
N MET A 152 -5.66 23.39 -16.98
CA MET A 152 -6.29 22.08 -17.16
C MET A 152 -5.63 21.35 -18.33
N ASN A 153 -5.30 22.07 -19.42
CA ASN A 153 -4.62 21.48 -20.59
C ASN A 153 -3.24 20.97 -20.16
N TYR A 154 -2.52 21.76 -19.37
CA TYR A 154 -1.21 21.37 -18.83
C TYR A 154 -1.32 20.11 -17.93
N ILE A 155 -2.22 20.11 -16.93
CA ILE A 155 -2.34 18.97 -16.04
C ILE A 155 -2.81 17.71 -16.79
N THR A 156 -3.59 17.87 -17.86
CA THR A 156 -4.02 16.76 -18.70
C THR A 156 -2.76 16.09 -19.33
N ALA A 157 -1.86 16.92 -19.85
CA ALA A 157 -0.64 16.41 -20.49
C ALA A 157 0.31 15.74 -19.50
N ILE A 158 0.54 16.34 -18.32
CA ILE A 158 1.47 15.72 -17.35
C ILE A 158 0.88 14.46 -16.73
N ILE A 159 -0.46 14.37 -16.51
CA ILE A 159 -1.06 13.13 -16.00
C ILE A 159 -0.91 12.05 -17.07
N GLU A 160 -1.08 12.37 -18.37
CA GLU A 160 -0.90 11.40 -19.44
C GLU A 160 0.53 10.81 -19.38
N GLU A 161 1.52 11.66 -19.07
CA GLU A 161 2.94 11.26 -18.93
C GLU A 161 3.23 10.46 -17.66
N GLN A 162 2.71 10.89 -16.49
CA GLN A 162 2.99 10.25 -15.19
C GLN A 162 1.67 9.93 -14.47
N PRO A 163 0.90 8.96 -14.99
CA PRO A 163 -0.42 8.69 -14.40
C PRO A 163 -0.43 8.09 -13.00
N LYS A 164 0.70 7.61 -12.48
CA LYS A 164 0.75 7.05 -11.12
C LYS A 164 1.28 8.01 -10.06
N ASN A 165 1.53 9.28 -10.42
CA ASN A 165 1.99 10.27 -9.46
C ASN A 165 0.77 10.81 -8.67
N TYR A 166 0.86 10.95 -7.35
CA TYR A 166 -0.26 11.44 -6.52
C TYR A 166 -0.52 12.95 -6.74
N GLN A 167 0.54 13.75 -6.78
CA GLN A 167 0.44 15.20 -6.84
C GLN A 167 -0.33 15.71 -8.06
N VAL A 168 -0.11 15.10 -9.23
CA VAL A 168 -0.76 15.54 -10.45
C VAL A 168 -2.31 15.41 -10.38
N TRP A 169 -2.79 14.31 -9.79
CA TRP A 169 -4.22 14.05 -9.62
C TRP A 169 -4.82 15.00 -8.60
N HIS A 170 -4.11 15.25 -7.47
CA HIS A 170 -4.61 16.23 -6.48
C HIS A 170 -4.69 17.63 -7.11
N HIS A 171 -3.69 18.01 -7.95
CA HIS A 171 -3.73 19.33 -8.60
C HIS A 171 -4.95 19.42 -9.53
N ARG A 172 -5.25 18.34 -10.28
CA ARG A 172 -6.40 18.33 -11.17
C ARG A 172 -7.70 18.52 -10.37
N ARG A 173 -7.83 17.83 -9.22
N ARG A 173 -7.80 17.85 -9.22
CA ARG A 173 -9.02 17.97 -8.37
CA ARG A 173 -8.96 17.93 -8.31
C ARG A 173 -9.19 19.43 -7.91
C ARG A 173 -9.18 19.39 -7.89
N VAL A 174 -8.09 20.10 -7.51
CA VAL A 174 -8.17 21.50 -7.09
C VAL A 174 -8.66 22.39 -8.24
N LEU A 175 -8.15 22.17 -9.48
CA LEU A 175 -8.59 22.96 -10.64
C LEU A 175 -10.09 22.75 -10.89
N VAL A 176 -10.56 21.51 -10.83
CA VAL A 176 -11.97 21.19 -11.06
C VAL A 176 -12.84 21.87 -9.99
N GLU A 177 -12.39 21.85 -8.71
CA GLU A 177 -13.09 22.52 -7.61
C GLU A 177 -13.15 24.03 -7.85
N TRP A 178 -12.02 24.64 -8.26
CA TRP A 178 -11.91 26.08 -8.54
C TRP A 178 -12.83 26.52 -9.68
N LEU A 179 -12.80 25.80 -10.79
CA LEU A 179 -13.64 26.12 -11.94
C LEU A 179 -15.09 25.65 -11.77
N LYS A 180 -15.38 24.76 -10.82
CA LYS A 180 -16.69 24.14 -10.60
C LYS A 180 -17.18 23.51 -11.92
N ASP A 181 -16.25 22.89 -12.67
CA ASP A 181 -16.53 22.35 -14.00
C ASP A 181 -15.99 20.93 -14.14
N PRO A 182 -16.89 19.93 -14.03
CA PRO A 182 -16.48 18.53 -14.20
C PRO A 182 -16.72 18.00 -15.63
N SER A 183 -17.07 18.89 -16.61
CA SER A 183 -17.46 18.47 -17.96
C SER A 183 -16.42 17.72 -18.77
N GLN A 184 -15.11 17.89 -18.50
CA GLN A 184 -14.07 17.15 -19.22
C GLN A 184 -13.62 15.87 -18.45
N GLU A 185 -14.01 15.70 -17.19
CA GLU A 185 -13.45 14.65 -16.34
C GLU A 185 -13.73 13.19 -16.69
N LEU A 186 -15.00 12.81 -16.91
CA LEU A 186 -15.30 11.40 -17.19
C LEU A 186 -14.62 10.93 -18.48
N GLU A 187 -14.55 11.80 -19.51
CA GLU A 187 -13.89 11.47 -20.77
C GLU A 187 -12.39 11.39 -20.58
N PHE A 188 -11.78 12.34 -19.87
CA PHE A 188 -10.33 12.32 -19.61
C PHE A 188 -9.95 11.05 -18.84
N ILE A 189 -10.69 10.74 -17.77
CA ILE A 189 -10.39 9.57 -16.95
C ILE A 189 -10.54 8.30 -17.77
N ALA A 190 -11.58 8.23 -18.64
CA ALA A 190 -11.76 7.06 -19.51
C ALA A 190 -10.55 6.88 -20.45
N ASP A 191 -9.87 7.99 -20.87
CA ASP A 191 -8.67 7.90 -21.70
C ASP A 191 -7.50 7.31 -20.90
N ILE A 192 -7.34 7.71 -19.64
CA ILE A 192 -6.28 7.16 -18.77
C ILE A 192 -6.53 5.67 -18.52
N LEU A 193 -7.80 5.32 -18.23
CA LEU A 193 -8.20 3.93 -18.00
C LEU A 193 -8.10 3.10 -19.26
N ASN A 194 -8.16 3.72 -20.45
CA ASN A 194 -7.98 2.99 -21.70
C ASN A 194 -6.51 2.49 -21.82
N GLN A 195 -5.53 3.18 -21.17
CA GLN A 195 -4.12 2.80 -21.18
C GLN A 195 -3.77 1.87 -20.01
N ASP A 196 -4.33 2.13 -18.82
CA ASP A 196 -4.16 1.25 -17.64
C ASP A 196 -5.52 1.22 -16.93
N ALA A 197 -6.29 0.17 -17.18
CA ALA A 197 -7.66 0.02 -16.66
C ALA A 197 -7.79 -0.19 -15.15
N LYS A 198 -6.66 -0.27 -14.43
CA LYS A 198 -6.65 -0.48 -12.99
C LYS A 198 -5.91 0.65 -12.24
N ASN A 199 -5.61 1.79 -12.89
CA ASN A 199 -4.90 2.90 -12.24
C ASN A 199 -5.70 3.39 -11.02
N TYR A 200 -5.15 3.17 -9.83
CA TYR A 200 -5.85 3.47 -8.58
C TYR A 200 -6.21 4.96 -8.48
N HIS A 201 -5.29 5.85 -8.86
CA HIS A 201 -5.56 7.29 -8.79
C HIS A 201 -6.69 7.71 -9.74
N ALA A 202 -6.73 7.13 -10.94
CA ALA A 202 -7.75 7.45 -11.92
C ALA A 202 -9.13 7.01 -11.41
N TRP A 203 -9.24 5.82 -10.80
CA TRP A 203 -10.53 5.37 -10.24
C TRP A 203 -10.95 6.23 -9.05
N GLN A 204 -9.98 6.65 -8.22
CA GLN A 204 -10.26 7.54 -7.10
C GLN A 204 -10.76 8.89 -7.58
N HIS A 205 -10.14 9.45 -8.62
CA HIS A 205 -10.59 10.71 -9.18
C HIS A 205 -11.99 10.54 -9.79
N ARG A 206 -12.24 9.42 -10.45
CA ARG A 206 -13.55 9.15 -11.05
C ARG A 206 -14.65 9.12 -9.98
N GLN A 207 -14.39 8.42 -8.87
CA GLN A 207 -15.35 8.36 -7.78
C GLN A 207 -15.57 9.73 -7.16
N TRP A 208 -14.50 10.52 -6.98
CA TRP A 208 -14.62 11.86 -6.42
C TRP A 208 -15.48 12.74 -7.33
N VAL A 209 -15.23 12.72 -8.66
CA VAL A 209 -16.00 13.57 -9.59
C VAL A 209 -17.48 13.17 -9.56
N ILE A 210 -17.74 11.85 -9.61
CA ILE A 210 -19.12 11.34 -9.63
C ILE A 210 -19.86 11.71 -8.34
N GLN A 211 -19.23 11.56 -7.15
CA GLN A 211 -19.90 11.90 -5.89
C GLN A 211 -20.08 13.41 -5.76
N GLU A 212 -19.02 14.19 -6.01
CA GLU A 212 -19.05 15.64 -5.83
C GLU A 212 -20.01 16.35 -6.78
N PHE A 213 -20.10 15.91 -8.04
CA PHE A 213 -20.95 16.56 -9.03
C PHE A 213 -22.21 15.76 -9.41
N ARG A 214 -22.51 14.66 -8.69
CA ARG A 214 -23.71 13.85 -8.92
C ARG A 214 -23.81 13.36 -10.37
N LEU A 215 -22.73 12.77 -10.91
CA LEU A 215 -22.72 12.29 -12.29
C LEU A 215 -22.86 10.77 -12.32
N TRP A 216 -23.99 10.29 -11.76
CA TRP A 216 -24.26 8.86 -11.60
C TRP A 216 -24.90 8.15 -12.79
N ASP A 217 -25.65 8.89 -13.62
CA ASP A 217 -26.51 8.35 -14.68
C ASP A 217 -25.90 7.40 -15.72
N ASN A 218 -24.62 7.58 -16.11
CA ASN A 218 -24.03 6.73 -17.15
C ASN A 218 -22.93 5.80 -16.66
N GLU A 219 -22.66 5.76 -15.33
CA GLU A 219 -21.55 4.97 -14.84
C GLU A 219 -21.77 3.47 -14.86
N LEU A 220 -23.01 2.99 -14.64
CA LEU A 220 -23.25 1.54 -14.70
C LEU A 220 -23.03 1.04 -16.14
N GLN A 221 -23.41 1.85 -17.16
CA GLN A 221 -23.16 1.54 -18.57
C GLN A 221 -21.63 1.50 -18.83
N TYR A 222 -20.87 2.42 -18.26
CA TYR A 222 -19.41 2.43 -18.43
C TYR A 222 -18.79 1.18 -17.75
N VAL A 223 -19.26 0.84 -16.56
CA VAL A 223 -18.84 -0.37 -15.83
C VAL A 223 -19.12 -1.64 -16.70
N ASP A 224 -20.34 -1.75 -17.26
CA ASP A 224 -20.71 -2.87 -18.12
C ASP A 224 -19.76 -2.97 -19.33
N GLN A 225 -19.40 -1.83 -19.94
CA GLN A 225 -18.46 -1.81 -21.06
C GLN A 225 -17.09 -2.37 -20.63
N LEU A 226 -16.53 -1.91 -19.49
CA LEU A 226 -15.22 -2.39 -19.06
C LEU A 226 -15.24 -3.85 -18.58
N LEU A 227 -16.38 -4.35 -18.03
CA LEU A 227 -16.46 -5.78 -17.65
C LEU A 227 -16.49 -6.65 -18.90
N LYS A 228 -17.08 -6.17 -20.01
CA LYS A 228 -17.03 -6.91 -21.28
C LYS A 228 -15.58 -7.00 -21.76
N GLU A 229 -14.82 -5.89 -21.69
CA GLU A 229 -13.41 -5.85 -22.10
C GLU A 229 -12.53 -6.78 -21.22
N ASP A 230 -12.72 -6.74 -19.88
CA ASP A 230 -11.97 -7.58 -18.97
C ASP A 230 -12.80 -7.87 -17.72
N VAL A 231 -13.53 -9.01 -17.72
CA VAL A 231 -14.35 -9.42 -16.59
C VAL A 231 -13.52 -9.69 -15.32
N ARG A 232 -12.18 -9.83 -15.43
CA ARG A 232 -11.33 -10.02 -14.25
C ARG A 232 -10.83 -8.69 -13.69
N ASN A 233 -11.29 -7.51 -14.21
CA ASN A 233 -10.79 -6.24 -13.69
C ASN A 233 -11.51 -5.94 -12.37
N ASN A 234 -10.82 -6.20 -11.24
CA ASN A 234 -11.39 -5.97 -9.92
C ASN A 234 -11.76 -4.50 -9.66
N SER A 235 -11.00 -3.54 -10.24
CA SER A 235 -11.33 -2.11 -10.08
C SER A 235 -12.73 -1.79 -10.63
N VAL A 236 -13.14 -2.51 -11.69
CA VAL A 236 -14.44 -2.28 -12.29
C VAL A 236 -15.55 -2.96 -11.47
N TRP A 237 -15.28 -4.15 -10.88
CA TRP A 237 -16.26 -4.79 -9.97
C TRP A 237 -16.44 -3.87 -8.73
N ASN A 238 -15.37 -3.21 -8.27
CA ASN A 238 -15.46 -2.25 -7.18
C ASN A 238 -16.30 -1.07 -7.62
N GLN A 239 -16.07 -0.55 -8.85
CA GLN A 239 -16.86 0.58 -9.34
C GLN A 239 -18.34 0.20 -9.45
N ARG A 240 -18.63 -1.06 -9.81
CA ARG A 240 -20.00 -1.54 -9.90
C ARG A 240 -20.69 -1.44 -8.53
N HIS A 241 -20.00 -1.91 -7.48
CA HIS A 241 -20.52 -1.84 -6.10
C HIS A 241 -20.69 -0.37 -5.70
N PHE A 242 -19.70 0.46 -6.01
CA PHE A 242 -19.76 1.90 -5.72
C PHE A 242 -20.99 2.60 -6.37
N VAL A 243 -21.29 2.30 -7.64
CA VAL A 243 -22.44 2.91 -8.31
C VAL A 243 -23.76 2.43 -7.71
N ILE A 244 -23.94 1.11 -7.59
CA ILE A 244 -25.20 0.57 -7.09
C ILE A 244 -25.45 1.00 -5.64
N SER A 245 -24.45 0.86 -4.75
CA SER A 245 -24.65 1.24 -3.34
C SER A 245 -25.03 2.71 -3.16
N ASN A 246 -24.58 3.62 -4.05
CA ASN A 246 -24.91 5.04 -3.95
C ASN A 246 -26.12 5.50 -4.78
N THR A 247 -26.75 4.60 -5.58
CA THR A 247 -27.91 4.99 -6.38
C THR A 247 -29.16 4.21 -5.88
N THR A 248 -29.38 2.97 -6.33
CA THR A 248 -30.55 2.20 -5.92
C THR A 248 -30.34 1.52 -4.58
N GLY A 249 -29.12 1.07 -4.32
CA GLY A 249 -28.78 0.31 -3.13
C GLY A 249 -29.00 -1.17 -3.39
N TYR A 250 -28.53 -2.01 -2.47
CA TYR A 250 -28.71 -3.45 -2.59
C TYR A 250 -29.90 -4.00 -1.77
N SER A 251 -30.60 -3.14 -1.00
CA SER A 251 -31.79 -3.57 -0.27
C SER A 251 -32.98 -3.79 -1.25
N ASP A 252 -32.94 -3.19 -2.45
CA ASP A 252 -33.98 -3.40 -3.45
C ASP A 252 -33.82 -4.84 -3.98
N ARG A 253 -34.88 -5.66 -3.84
CA ARG A 253 -34.84 -7.07 -4.22
C ARG A 253 -34.61 -7.32 -5.70
N ALA A 254 -35.25 -6.55 -6.59
CA ALA A 254 -35.04 -6.73 -8.02
C ALA A 254 -33.59 -6.39 -8.39
N VAL A 255 -32.98 -5.37 -7.75
CA VAL A 255 -31.58 -5.02 -8.03
C VAL A 255 -30.66 -6.13 -7.55
N LEU A 256 -30.82 -6.58 -6.28
CA LEU A 256 -29.96 -7.65 -5.75
C LEU A 256 -30.09 -8.93 -6.58
N GLU A 257 -31.32 -9.31 -6.95
CA GLU A 257 -31.56 -10.48 -7.80
C GLU A 257 -30.87 -10.30 -9.16
N ARG A 258 -31.01 -9.11 -9.77
CA ARG A 258 -30.35 -8.82 -11.04
C ARG A 258 -28.82 -8.96 -10.91
N GLU A 259 -28.25 -8.42 -9.84
CA GLU A 259 -26.82 -8.46 -9.60
C GLU A 259 -26.28 -9.85 -9.33
N VAL A 260 -27.02 -10.67 -8.58
CA VAL A 260 -26.59 -12.04 -8.28
C VAL A 260 -26.73 -12.91 -9.54
N GLN A 261 -27.81 -12.72 -10.31
CA GLN A 261 -28.00 -13.46 -11.55
C GLN A 261 -26.89 -13.07 -12.56
N TYR A 262 -26.56 -11.77 -12.66
CA TYR A 262 -25.47 -11.32 -13.54
C TYR A 262 -24.13 -11.95 -13.12
N THR A 263 -23.83 -11.92 -11.83
CA THR A 263 -22.57 -12.44 -11.29
C THR A 263 -22.47 -13.95 -11.48
N LEU A 264 -23.56 -14.70 -11.26
CA LEU A 264 -23.55 -16.15 -11.47
C LEU A 264 -23.28 -16.49 -12.94
N GLU A 265 -23.78 -15.68 -13.88
CA GLU A 265 -23.50 -15.90 -15.31
C GLU A 265 -22.03 -15.66 -15.62
N MET A 266 -21.43 -14.64 -15.00
CA MET A 266 -20.00 -14.37 -15.19
C MET A 266 -19.17 -15.50 -14.60
N ILE A 267 -19.60 -16.07 -13.45
CA ILE A 267 -18.92 -17.20 -12.83
C ILE A 267 -19.01 -18.41 -13.77
N LYS A 268 -20.19 -18.69 -14.35
CA LYS A 268 -20.33 -19.81 -15.29
C LYS A 268 -19.39 -19.66 -16.51
N LEU A 269 -19.21 -18.43 -17.02
N LEU A 269 -19.22 -18.43 -17.02
CA LEU A 269 -18.35 -18.19 -18.18
CA LEU A 269 -18.34 -18.15 -18.17
C LEU A 269 -16.86 -18.27 -17.82
C LEU A 269 -16.86 -18.27 -17.80
N VAL A 270 -16.46 -17.76 -16.63
CA VAL A 270 -15.05 -17.76 -16.20
C VAL A 270 -15.01 -18.25 -14.73
N PRO A 271 -15.14 -19.59 -14.50
CA PRO A 271 -15.21 -20.11 -13.12
C PRO A 271 -14.05 -19.77 -12.18
N HIS A 272 -12.84 -19.60 -12.71
CA HIS A 272 -11.66 -19.28 -11.88
C HIS A 272 -11.38 -17.78 -11.76
N ASN A 273 -12.32 -16.90 -12.17
CA ASN A 273 -12.16 -15.46 -11.98
C ASN A 273 -12.58 -15.16 -10.54
N GLU A 274 -11.62 -14.86 -9.68
CA GLU A 274 -11.91 -14.56 -8.27
C GLU A 274 -12.76 -13.31 -8.04
N SER A 275 -12.63 -12.25 -8.86
CA SER A 275 -13.38 -11.02 -8.63
C SER A 275 -14.91 -11.24 -8.61
N ALA A 276 -15.46 -12.04 -9.55
CA ALA A 276 -16.90 -12.28 -9.56
C ALA A 276 -17.32 -13.03 -8.29
N TRP A 277 -16.51 -14.02 -7.85
CA TRP A 277 -16.80 -14.75 -6.61
C TRP A 277 -16.81 -13.81 -5.40
N ASN A 278 -15.85 -12.90 -5.34
CA ASN A 278 -15.75 -11.94 -4.24
C ASN A 278 -16.90 -10.94 -4.25
N TYR A 279 -17.37 -10.54 -5.43
CA TYR A 279 -18.51 -9.64 -5.55
C TYR A 279 -19.80 -10.35 -5.11
N LEU A 280 -20.00 -11.62 -5.55
CA LEU A 280 -21.16 -12.41 -5.12
C LEU A 280 -21.20 -12.50 -3.58
N LYS A 281 -20.05 -12.85 -2.99
CA LYS A 281 -19.92 -12.96 -1.54
C LYS A 281 -20.16 -11.62 -0.82
N GLY A 282 -19.55 -10.55 -1.32
CA GLY A 282 -19.66 -9.23 -0.72
C GLY A 282 -21.06 -8.64 -0.68
N ILE A 283 -21.87 -8.86 -1.72
CA ILE A 283 -23.23 -8.31 -1.74
C ILE A 283 -24.23 -9.18 -0.92
N LEU A 284 -23.91 -10.46 -0.64
CA LEU A 284 -24.79 -11.32 0.14
C LEU A 284 -24.36 -11.46 1.60
N GLN A 285 -23.08 -11.19 1.92
CA GLN A 285 -22.58 -11.30 3.30
C GLN A 285 -23.15 -10.28 4.27
N ASP A 286 -23.70 -9.13 3.83
CA ASP A 286 -24.25 -8.14 4.77
C ASP A 286 -25.38 -8.77 5.61
N ARG A 287 -26.42 -9.28 4.93
CA ARG A 287 -27.53 -9.96 5.61
C ARG A 287 -27.09 -11.33 6.18
N GLY A 288 -26.10 -11.97 5.56
CA GLY A 288 -25.59 -13.27 5.97
C GLY A 288 -25.91 -14.28 4.89
N LEU A 289 -24.92 -15.08 4.50
CA LEU A 289 -25.09 -16.07 3.43
C LEU A 289 -26.19 -17.09 3.73
N SER A 290 -26.41 -17.48 5.01
CA SER A 290 -27.47 -18.43 5.36
C SER A 290 -28.89 -17.88 5.14
N ARG A 291 -29.04 -16.55 4.91
CA ARG A 291 -30.37 -15.98 4.66
C ARG A 291 -30.87 -16.27 3.23
N TYR A 292 -30.03 -16.84 2.33
CA TYR A 292 -30.38 -17.14 0.95
C TYR A 292 -30.32 -18.66 0.79
N PRO A 293 -31.38 -19.40 1.18
CA PRO A 293 -31.31 -20.87 1.14
C PRO A 293 -31.09 -21.56 -0.21
N ASN A 294 -31.44 -20.92 -1.35
CA ASN A 294 -31.22 -21.54 -2.65
C ASN A 294 -29.78 -21.43 -3.13
N LEU A 295 -28.98 -20.54 -2.55
CA LEU A 295 -27.61 -20.32 -2.99
C LEU A 295 -26.77 -21.59 -2.87
N LEU A 296 -26.90 -22.32 -1.77
CA LEU A 296 -26.16 -23.55 -1.54
C LEU A 296 -26.40 -24.60 -2.67
N ASN A 297 -27.65 -24.96 -2.95
CA ASN A 297 -27.96 -25.96 -3.99
C ASN A 297 -27.56 -25.52 -5.38
N GLN A 298 -27.69 -24.22 -5.70
CA GLN A 298 -27.29 -23.70 -7.00
C GLN A 298 -25.77 -23.75 -7.20
N LEU A 299 -24.97 -23.58 -6.13
CA LEU A 299 -23.52 -23.70 -6.25
C LEU A 299 -23.13 -25.18 -6.33
N LEU A 300 -23.81 -26.06 -5.59
CA LEU A 300 -23.56 -27.50 -5.67
C LEU A 300 -23.88 -28.01 -7.09
N ASP A 301 -24.88 -27.41 -7.79
CA ASP A 301 -25.22 -27.78 -9.17
C ASP A 301 -24.09 -27.40 -10.13
N LEU A 302 -23.46 -26.23 -9.96
CA LEU A 302 -22.37 -25.81 -10.83
C LEU A 302 -21.02 -26.48 -10.50
N GLN A 303 -20.93 -27.23 -9.38
CA GLN A 303 -19.68 -27.86 -8.94
C GLN A 303 -19.10 -28.91 -9.91
N PRO A 304 -19.88 -29.90 -10.41
CA PRO A 304 -19.29 -30.94 -11.27
C PRO A 304 -18.68 -30.51 -12.60
N SER A 305 -18.97 -29.28 -13.10
CA SER A 305 -18.44 -28.82 -14.39
C SER A 305 -17.74 -27.45 -14.34
N HIS A 306 -18.04 -26.62 -13.32
CA HIS A 306 -17.43 -25.29 -13.16
C HIS A 306 -16.81 -25.17 -11.76
N SER A 307 -16.26 -26.28 -11.21
CA SER A 307 -15.67 -26.27 -9.88
C SER A 307 -14.38 -25.45 -9.84
N SER A 308 -13.97 -25.09 -8.62
CA SER A 308 -12.76 -24.33 -8.37
C SER A 308 -12.54 -24.23 -6.84
N PRO A 309 -11.35 -23.82 -6.36
CA PRO A 309 -11.21 -23.58 -4.91
C PRO A 309 -12.12 -22.42 -4.45
N TYR A 310 -12.57 -21.53 -5.38
CA TYR A 310 -13.45 -20.42 -4.98
C TYR A 310 -14.84 -20.94 -4.68
N LEU A 311 -15.34 -21.92 -5.45
CA LEU A 311 -16.65 -22.49 -5.21
C LEU A 311 -16.65 -23.23 -3.87
N ILE A 312 -15.61 -24.06 -3.62
CA ILE A 312 -15.48 -24.84 -2.39
C ILE A 312 -15.36 -23.93 -1.16
N ALA A 313 -14.59 -22.85 -1.27
CA ALA A 313 -14.43 -21.87 -0.20
C ALA A 313 -15.76 -21.19 0.08
N PHE A 314 -16.54 -20.87 -0.96
CA PHE A 314 -17.84 -20.22 -0.79
C PHE A 314 -18.81 -21.18 -0.07
N LEU A 315 -18.73 -22.50 -0.34
CA LEU A 315 -19.54 -23.48 0.36
C LEU A 315 -19.22 -23.44 1.89
N VAL A 316 -17.92 -23.37 2.26
CA VAL A 316 -17.51 -23.28 3.67
C VAL A 316 -18.09 -22.01 4.29
N ASP A 317 -17.99 -20.86 3.59
CA ASP A 317 -18.57 -19.60 4.07
C ASP A 317 -20.09 -19.73 4.32
N ILE A 318 -20.83 -20.39 3.41
CA ILE A 318 -22.26 -20.64 3.61
C ILE A 318 -22.47 -21.50 4.87
N TYR A 319 -21.75 -22.63 4.98
CA TYR A 319 -21.90 -23.52 6.13
C TYR A 319 -21.57 -22.79 7.45
N GLU A 320 -20.52 -21.94 7.47
CA GLU A 320 -20.15 -21.17 8.67
C GLU A 320 -21.33 -20.31 9.13
N ASP A 321 -21.99 -19.58 8.19
CA ASP A 321 -23.11 -18.73 8.57
C ASP A 321 -24.33 -19.57 8.96
N MET A 322 -24.55 -20.73 8.30
CA MET A 322 -25.66 -21.62 8.66
C MET A 322 -25.49 -22.11 10.10
N LEU A 323 -24.27 -22.51 10.49
CA LEU A 323 -24.01 -22.99 11.85
C LEU A 323 -24.22 -21.91 12.89
N GLU A 324 -23.92 -20.65 12.57
CA GLU A 324 -24.14 -19.52 13.47
C GLU A 324 -25.63 -19.15 13.60
N ASN A 325 -26.52 -19.61 12.69
CA ASN A 325 -27.93 -19.24 12.71
C ASN A 325 -28.88 -20.42 12.90
N GLN A 326 -28.50 -21.38 13.76
CA GLN A 326 -29.33 -22.53 14.12
C GLN A 326 -29.97 -23.26 12.94
N CYS A 327 -29.16 -23.71 11.99
CA CYS A 327 -29.64 -24.43 10.80
C CYS A 327 -30.11 -25.84 11.13
N ASP A 328 -30.93 -26.45 10.24
CA ASP A 328 -31.36 -27.84 10.38
C ASP A 328 -30.16 -28.75 10.10
N ASN A 329 -30.13 -29.93 10.73
CA ASN A 329 -29.08 -30.93 10.52
C ASN A 329 -27.68 -30.35 10.82
N LYS A 330 -27.52 -29.75 12.01
CA LYS A 330 -26.27 -29.11 12.41
C LYS A 330 -25.06 -30.03 12.30
N GLU A 331 -25.16 -31.29 12.80
CA GLU A 331 -24.03 -32.21 12.75
C GLU A 331 -23.60 -32.49 11.31
N ASP A 332 -24.57 -32.69 10.42
CA ASP A 332 -24.29 -32.92 9.01
C ASP A 332 -23.61 -31.70 8.36
N ILE A 333 -24.12 -30.49 8.63
CA ILE A 333 -23.56 -29.25 8.06
C ILE A 333 -22.13 -29.04 8.57
N LEU A 334 -21.90 -29.24 9.88
CA LEU A 334 -20.56 -29.12 10.45
C LEU A 334 -19.59 -30.16 9.84
N ASN A 335 -20.02 -31.43 9.70
CA ASN A 335 -19.16 -32.45 9.09
C ASN A 335 -18.81 -32.09 7.63
N LYS A 336 -19.77 -31.57 6.85
CA LYS A 336 -19.50 -31.13 5.48
C LYS A 336 -18.51 -29.97 5.45
N ALA A 337 -18.69 -28.97 6.34
CA ALA A 337 -17.78 -27.81 6.42
C ALA A 337 -16.35 -28.25 6.77
N LEU A 338 -16.18 -29.14 7.78
CA LEU A 338 -14.85 -29.61 8.18
C LEU A 338 -14.21 -30.46 7.10
N GLU A 339 -15.00 -31.24 6.35
CA GLU A 339 -14.48 -32.06 5.26
C GLU A 339 -13.92 -31.14 4.16
N LEU A 340 -14.61 -30.02 3.86
CA LEU A 340 -14.15 -29.09 2.83
C LEU A 340 -12.92 -28.32 3.29
N CYS A 341 -12.83 -27.96 4.59
CA CYS A 341 -11.65 -27.29 5.16
C CYS A 341 -10.41 -28.16 4.97
N GLU A 342 -10.56 -29.48 5.21
CA GLU A 342 -9.48 -30.45 5.05
C GLU A 342 -9.07 -30.53 3.58
N ILE A 343 -10.02 -30.66 2.65
CA ILE A 343 -9.75 -30.73 1.21
C ILE A 343 -9.00 -29.45 0.75
N LEU A 344 -9.42 -28.28 1.26
CA LEU A 344 -8.76 -27.03 0.87
C LEU A 344 -7.35 -26.96 1.44
N ALA A 345 -7.17 -27.29 2.73
CA ALA A 345 -5.86 -27.22 3.35
C ALA A 345 -4.85 -28.20 2.76
N LYS A 346 -5.29 -29.43 2.45
CA LYS A 346 -4.39 -30.48 1.98
C LYS A 346 -4.23 -30.61 0.46
N GLU A 347 -5.17 -30.11 -0.36
CA GLU A 347 -5.07 -30.34 -1.81
C GLU A 347 -5.49 -29.15 -2.69
N LYS A 348 -6.71 -28.64 -2.52
CA LYS A 348 -7.25 -27.63 -3.44
C LYS A 348 -6.79 -26.21 -3.20
N ASP A 349 -6.28 -25.86 -2.01
CA ASP A 349 -5.87 -24.48 -1.73
C ASP A 349 -4.80 -24.47 -0.64
N THR A 350 -3.72 -25.26 -0.85
CA THR A 350 -2.64 -25.43 0.15
C THR A 350 -1.91 -24.16 0.52
N ILE A 351 -1.88 -23.14 -0.35
CA ILE A 351 -1.24 -21.85 0.01
C ILE A 351 -1.96 -21.23 1.24
N ARG A 352 -3.28 -21.50 1.39
CA ARG A 352 -4.08 -21.02 2.51
C ARG A 352 -4.30 -22.13 3.57
N LYS A 353 -3.40 -23.11 3.67
CA LYS A 353 -3.54 -24.18 4.65
C LYS A 353 -3.73 -23.68 6.10
N GLU A 354 -2.96 -22.66 6.52
CA GLU A 354 -3.11 -22.16 7.91
C GLU A 354 -4.47 -21.49 8.11
N TYR A 355 -5.00 -20.82 7.07
CA TYR A 355 -6.30 -20.18 7.16
C TYR A 355 -7.38 -21.25 7.27
N TRP A 356 -7.34 -22.27 6.41
CA TRP A 356 -8.34 -23.33 6.43
C TRP A 356 -8.26 -24.16 7.70
N ARG A 357 -7.06 -24.37 8.25
CA ARG A 357 -6.94 -25.09 9.52
C ARG A 357 -7.52 -24.26 10.67
N TYR A 358 -7.31 -22.94 10.63
CA TYR A 358 -7.91 -22.01 11.62
C TYR A 358 -9.44 -22.08 11.49
N ILE A 359 -9.99 -22.00 10.27
CA ILE A 359 -11.46 -22.10 10.08
C ILE A 359 -11.99 -23.43 10.64
N GLY A 360 -11.33 -24.54 10.34
CA GLY A 360 -11.74 -25.84 10.85
C GLY A 360 -11.74 -25.89 12.38
N ARG A 361 -10.68 -25.39 13.01
CA ARG A 361 -10.61 -25.36 14.49
C ARG A 361 -11.68 -24.41 15.09
N SER A 362 -11.98 -23.31 14.39
N SER A 362 -11.99 -23.30 14.39
CA SER A 362 -12.98 -22.32 14.81
CA SER A 362 -13.00 -22.33 14.84
C SER A 362 -14.38 -22.92 14.82
C SER A 362 -14.39 -22.96 14.84
N LEU A 363 -14.72 -23.71 13.79
CA LEU A 363 -16.03 -24.38 13.69
C LEU A 363 -16.19 -25.41 14.79
N GLN A 364 -15.13 -26.16 15.09
CA GLN A 364 -15.18 -27.17 16.15
C GLN A 364 -15.34 -26.48 17.50
N SER A 365 -14.61 -25.38 17.73
CA SER A 365 -14.69 -24.64 18.98
C SER A 365 -16.10 -24.05 19.20
N LYS A 366 -16.69 -23.43 18.17
CA LYS A 366 -18.02 -22.83 18.30
C LYS A 366 -19.12 -23.88 18.52
N HIS A 367 -18.93 -25.11 18.02
CA HIS A 367 -19.90 -26.19 18.21
C HIS A 367 -19.76 -26.80 19.63
N SER A 368 -18.51 -26.96 20.12
CA SER A 368 -18.29 -27.55 21.44
C SER A 368 -18.58 -26.51 22.52
N GLU B 21 12.53 -31.77 -2.92
CA GLU B 21 11.27 -31.84 -2.19
C GLU B 21 11.17 -30.84 -1.02
N PRO B 22 12.25 -30.46 -0.28
CA PRO B 22 12.09 -29.47 0.79
C PRO B 22 11.42 -28.16 0.38
N LEU B 23 11.61 -27.70 -0.88
CA LEU B 23 11.01 -26.44 -1.31
C LEU B 23 9.62 -26.65 -1.93
N TYR B 24 8.61 -26.05 -1.28
CA TYR B 24 7.20 -26.08 -1.68
C TYR B 24 7.00 -25.67 -3.14
N SER B 25 7.68 -24.59 -3.59
CA SER B 25 7.58 -24.08 -4.95
C SER B 25 8.17 -24.96 -6.03
N LEU B 26 9.03 -25.92 -5.65
CA LEU B 26 9.69 -26.80 -6.62
C LEU B 26 9.06 -28.20 -6.67
N ARG B 27 8.09 -28.52 -5.81
CA ARG B 27 7.48 -29.86 -5.81
C ARG B 27 6.71 -30.11 -7.13
N PRO B 28 6.65 -31.35 -7.64
CA PRO B 28 5.92 -31.58 -8.90
C PRO B 28 4.44 -31.19 -8.85
N GLU B 29 3.77 -31.40 -7.69
CA GLU B 29 2.37 -30.99 -7.54
C GLU B 29 2.16 -29.46 -7.66
N HIS B 30 3.22 -28.66 -7.52
CA HIS B 30 3.11 -27.22 -7.62
C HIS B 30 2.70 -26.77 -9.04
N ALA B 31 3.00 -27.58 -10.08
CA ALA B 31 2.59 -27.26 -11.46
C ALA B 31 1.06 -27.09 -11.60
N ARG B 32 0.28 -27.77 -10.73
CA ARG B 32 -1.19 -27.67 -10.72
C ARG B 32 -1.70 -26.27 -10.30
N GLU B 33 -0.84 -25.43 -9.68
CA GLU B 33 -1.20 -24.09 -9.22
C GLU B 33 -1.10 -23.00 -10.29
N ARG B 34 -0.70 -23.35 -11.52
CA ARG B 34 -0.63 -22.38 -12.61
C ARG B 34 -2.05 -21.92 -12.98
N LEU B 35 -2.14 -20.70 -13.51
CA LEU B 35 -3.42 -20.09 -13.87
C LEU B 35 -4.30 -20.96 -14.78
N GLN B 36 -5.58 -21.03 -14.45
CA GLN B 36 -6.58 -21.68 -15.25
C GLN B 36 -7.41 -20.52 -15.79
N ASP B 37 -7.18 -20.15 -17.06
CA ASP B 37 -7.89 -19.02 -17.67
C ASP B 37 -9.28 -19.38 -18.22
N ASP B 38 -9.74 -20.65 -18.06
CA ASP B 38 -11.04 -21.09 -18.58
C ASP B 38 -11.19 -20.85 -20.08
N SER B 39 -10.07 -20.79 -20.83
CA SER B 39 -10.05 -20.51 -22.27
C SER B 39 -10.69 -19.14 -22.60
N VAL B 40 -10.64 -18.20 -21.66
CA VAL B 40 -11.17 -16.86 -21.84
C VAL B 40 -10.01 -15.93 -21.54
N GLU B 41 -9.36 -15.42 -22.58
CA GLU B 41 -8.20 -14.55 -22.38
C GLU B 41 -8.61 -13.09 -22.28
N THR B 42 -8.14 -12.41 -21.24
CA THR B 42 -8.32 -10.97 -21.06
C THR B 42 -6.93 -10.39 -20.70
N VAL B 43 -6.77 -9.05 -20.67
CA VAL B 43 -5.48 -8.43 -20.31
C VAL B 43 -4.95 -8.96 -18.97
N THR B 44 -5.84 -9.10 -17.96
CA THR B 44 -5.46 -9.63 -16.64
C THR B 44 -4.82 -11.04 -16.71
N SER B 45 -5.47 -12.01 -17.39
CA SER B 45 -4.93 -13.36 -17.47
C SER B 45 -3.66 -13.44 -18.33
N ILE B 46 -3.57 -12.63 -19.39
CA ILE B 46 -2.39 -12.61 -20.25
C ILE B 46 -1.19 -12.12 -19.43
N GLU B 47 -1.37 -11.04 -18.66
CA GLU B 47 -0.26 -10.53 -17.84
C GLU B 47 0.09 -11.52 -16.71
N GLN B 48 -0.91 -12.13 -16.08
CA GLN B 48 -0.66 -13.10 -15.01
C GLN B 48 0.11 -14.31 -15.56
N ALA B 49 -0.27 -14.83 -16.75
CA ALA B 49 0.43 -15.95 -17.37
C ALA B 49 1.87 -15.57 -17.71
N LYS B 50 2.12 -14.33 -18.16
CA LYS B 50 3.48 -13.88 -18.46
C LYS B 50 4.36 -13.93 -17.20
N VAL B 51 3.84 -13.42 -16.06
CA VAL B 51 4.61 -13.46 -14.81
C VAL B 51 4.85 -14.91 -14.38
N GLU B 52 3.83 -15.78 -14.44
CA GLU B 52 3.99 -17.18 -14.05
C GLU B 52 5.00 -17.91 -14.90
N GLU B 53 5.08 -17.61 -16.21
CA GLU B 53 6.07 -18.24 -17.07
C GLU B 53 7.47 -17.83 -16.64
N LYS B 54 7.67 -16.54 -16.37
CA LYS B 54 8.96 -16.02 -15.90
C LYS B 54 9.33 -16.60 -14.51
N ILE B 55 8.35 -16.69 -13.59
CA ILE B 55 8.60 -17.22 -12.25
C ILE B 55 8.92 -18.72 -12.32
N GLN B 56 8.26 -19.47 -13.21
CA GLN B 56 8.53 -20.89 -13.38
C GLN B 56 9.94 -21.08 -13.93
N GLU B 57 10.43 -20.17 -14.81
CA GLU B 57 11.81 -20.27 -15.33
C GLU B 57 12.80 -20.13 -14.17
N VAL B 58 12.52 -19.23 -13.21
CA VAL B 58 13.38 -19.03 -12.04
C VAL B 58 13.35 -20.29 -11.17
N PHE B 59 12.15 -20.81 -10.85
CA PHE B 59 12.04 -22.01 -10.01
C PHE B 59 12.71 -23.22 -10.67
N SER B 60 12.62 -23.37 -12.00
CA SER B 60 13.21 -24.49 -12.72
C SER B 60 14.73 -24.37 -12.95
N SER B 61 15.34 -23.16 -12.78
CA SER B 61 16.76 -22.93 -13.05
C SER B 61 17.69 -23.92 -12.36
N TYR B 62 17.39 -24.33 -11.11
CA TYR B 62 18.24 -25.29 -10.40
C TYR B 62 18.21 -26.65 -11.12
N LYS B 63 17.02 -27.19 -11.43
CA LYS B 63 16.91 -28.46 -12.17
C LYS B 63 17.58 -28.36 -13.52
N PHE B 64 17.40 -27.24 -14.24
CA PHE B 64 18.00 -27.04 -15.56
C PHE B 64 19.54 -26.99 -15.51
N ASN B 65 20.11 -26.30 -14.50
CA ASN B 65 21.56 -26.19 -14.36
C ASN B 65 22.22 -27.33 -13.57
N HIS B 66 21.41 -28.26 -13.03
CA HIS B 66 21.91 -29.45 -12.33
C HIS B 66 22.67 -29.08 -11.05
N LEU B 67 22.02 -28.27 -10.22
CA LEU B 67 22.54 -27.80 -8.94
C LEU B 67 21.50 -28.07 -7.85
N VAL B 68 21.94 -28.17 -6.61
CA VAL B 68 21.02 -28.28 -5.48
C VAL B 68 20.49 -26.86 -5.23
N PRO B 69 19.17 -26.63 -5.05
CA PRO B 69 18.72 -25.26 -4.73
C PRO B 69 19.31 -24.83 -3.37
N ARG B 70 20.08 -23.72 -3.37
CA ARG B 70 20.70 -23.22 -2.14
C ARG B 70 20.19 -21.83 -1.95
N LEU B 71 19.12 -21.68 -1.16
CA LEU B 71 18.51 -20.38 -0.93
C LEU B 71 19.35 -19.59 0.04
N VAL B 72 20.09 -18.63 -0.48
CA VAL B 72 20.97 -17.77 0.30
C VAL B 72 20.51 -16.33 0.17
N LEU B 73 20.34 -15.64 1.31
CA LEU B 73 20.08 -14.22 1.33
C LEU B 73 21.47 -13.61 1.13
N GLN B 74 21.67 -12.83 0.07
CA GLN B 74 22.98 -12.23 -0.25
C GLN B 74 23.24 -11.01 0.61
N ARG B 75 23.50 -11.26 1.89
CA ARG B 75 23.67 -10.22 2.89
C ARG B 75 24.76 -9.23 2.57
N GLU B 76 25.90 -9.72 2.08
CA GLU B 76 27.06 -8.88 1.79
C GLU B 76 26.75 -7.93 0.64
N LYS B 77 26.14 -8.43 -0.43
CA LYS B 77 25.77 -7.61 -1.57
C LYS B 77 24.69 -6.58 -1.12
N HIS B 78 23.71 -7.02 -0.31
CA HIS B 78 22.67 -6.10 0.18
C HIS B 78 23.30 -4.99 1.04
N PHE B 79 24.18 -5.36 1.97
CA PHE B 79 24.87 -4.41 2.85
C PHE B 79 25.70 -3.37 2.07
N HIS B 80 26.47 -3.79 1.04
N HIS B 80 26.45 -3.79 1.04
CA HIS B 80 27.28 -2.87 0.24
CA HIS B 80 27.28 -2.87 0.26
C HIS B 80 26.37 -1.84 -0.45
C HIS B 80 26.38 -1.85 -0.47
N TYR B 81 25.29 -2.32 -1.05
CA TYR B 81 24.31 -1.46 -1.75
C TYR B 81 23.69 -0.41 -0.79
N LEU B 82 23.36 -0.86 0.42
CA LEU B 82 22.76 -0.03 1.45
C LEU B 82 23.73 1.00 2.04
N LYS B 83 24.94 0.57 2.43
CA LYS B 83 25.92 1.49 3.04
C LYS B 83 26.30 2.62 2.04
N ARG B 84 26.38 2.31 0.74
CA ARG B 84 26.69 3.34 -0.26
C ARG B 84 25.52 4.33 -0.38
N GLY B 85 24.31 3.81 -0.53
CA GLY B 85 23.08 4.59 -0.63
C GLY B 85 22.82 5.50 0.55
N LEU B 86 23.20 5.05 1.77
CA LEU B 86 23.03 5.87 2.97
C LEU B 86 23.82 7.18 2.85
N ARG B 87 24.93 7.17 2.11
CA ARG B 87 25.76 8.36 1.93
C ARG B 87 25.40 9.13 0.64
N GLN B 88 25.33 8.44 -0.51
CA GLN B 88 25.18 9.11 -1.79
C GLN B 88 24.44 8.27 -2.82
N LEU B 89 23.73 8.97 -3.71
CA LEU B 89 22.91 8.37 -4.76
C LEU B 89 23.16 9.13 -6.06
N THR B 90 23.04 8.44 -7.20
CA THR B 90 23.23 9.08 -8.51
C THR B 90 21.99 9.92 -8.90
N ASP B 91 22.10 10.73 -9.98
CA ASP B 91 20.97 11.51 -10.50
C ASP B 91 19.78 10.61 -10.90
N ALA B 92 19.96 9.27 -10.99
CA ALA B 92 18.84 8.37 -11.21
C ALA B 92 17.81 8.49 -10.05
N TYR B 93 18.22 9.03 -8.88
CA TYR B 93 17.38 9.21 -7.70
C TYR B 93 16.80 10.63 -7.57
N GLU B 94 16.86 11.45 -8.65
CA GLU B 94 16.25 12.80 -8.60
C GLU B 94 14.74 12.73 -8.28
N CYS B 95 14.06 11.65 -8.68
CA CYS B 95 12.63 11.44 -8.38
C CYS B 95 12.36 11.27 -6.87
N LEU B 96 13.40 11.07 -6.04
CA LEU B 96 13.25 10.94 -4.59
C LEU B 96 13.80 12.16 -3.83
N ASP B 97 13.99 13.30 -4.52
CA ASP B 97 14.46 14.54 -3.90
C ASP B 97 13.44 15.11 -2.87
N ALA B 98 12.15 14.70 -2.94
CA ALA B 98 11.17 15.10 -1.93
C ALA B 98 10.80 13.88 -1.04
N SER B 99 11.71 12.88 -0.92
CA SER B 99 11.49 11.65 -0.15
C SER B 99 12.78 11.24 0.59
N ARG B 100 13.64 12.20 0.96
CA ARG B 100 14.93 11.85 1.54
C ARG B 100 14.80 11.25 2.99
N PRO B 101 13.84 11.67 3.85
CA PRO B 101 13.62 10.93 5.12
C PRO B 101 13.13 9.49 4.85
N TRP B 102 12.40 9.23 3.76
CA TRP B 102 12.05 7.83 3.38
C TRP B 102 13.32 7.05 3.07
N LEU B 103 14.27 7.63 2.33
CA LEU B 103 15.53 6.95 2.02
C LEU B 103 16.29 6.64 3.31
N CYS B 104 16.28 7.57 4.28
CA CYS B 104 16.92 7.34 5.58
C CYS B 104 16.27 6.14 6.25
N TYR B 105 14.94 6.13 6.28
CA TYR B 105 14.19 5.04 6.92
C TYR B 105 14.40 3.69 6.21
N TRP B 106 14.20 3.63 4.87
CA TRP B 106 14.30 2.36 4.13
C TRP B 106 15.68 1.75 4.30
N ILE B 107 16.73 2.58 4.25
CA ILE B 107 18.10 2.09 4.33
C ILE B 107 18.45 1.67 5.76
N LEU B 108 18.17 2.52 6.77
CA LEU B 108 18.46 2.17 8.17
C LEU B 108 17.66 0.96 8.63
N HIS B 109 16.40 0.82 8.19
CA HIS B 109 15.59 -0.33 8.57
C HIS B 109 16.14 -1.59 7.90
N SER B 110 16.56 -1.52 6.63
CA SER B 110 17.17 -2.68 5.95
C SER B 110 18.45 -3.08 6.66
N LEU B 111 19.29 -2.12 7.03
CA LEU B 111 20.53 -2.41 7.77
C LEU B 111 20.23 -3.03 9.14
N GLU B 112 19.23 -2.51 9.85
CA GLU B 112 18.81 -3.04 11.15
C GLU B 112 18.34 -4.51 10.99
N LEU B 113 17.53 -4.79 9.97
CA LEU B 113 17.05 -6.16 9.71
C LEU B 113 18.24 -7.10 9.43
N LEU B 114 19.23 -6.60 8.69
CA LEU B 114 20.44 -7.37 8.37
C LEU B 114 21.46 -7.44 9.52
N ASP B 115 21.14 -6.87 10.71
CA ASP B 115 22.01 -6.87 11.87
C ASP B 115 23.33 -6.16 11.58
N GLU B 116 23.31 -5.11 10.74
CA GLU B 116 24.52 -4.39 10.36
C GLU B 116 24.61 -3.15 11.24
N PRO B 117 25.71 -2.94 11.96
CA PRO B 117 25.76 -1.79 12.89
C PRO B 117 25.75 -0.45 12.19
N ILE B 118 25.22 0.57 12.86
CA ILE B 118 25.16 1.94 12.35
C ILE B 118 26.25 2.67 13.13
N PRO B 119 27.39 3.02 12.51
CA PRO B 119 28.44 3.73 13.26
C PRO B 119 27.93 5.02 13.91
N GLN B 120 28.48 5.38 15.09
CA GLN B 120 28.04 6.56 15.83
C GLN B 120 28.12 7.86 15.01
N ILE B 121 29.19 8.04 14.21
CA ILE B 121 29.31 9.24 13.37
C ILE B 121 28.23 9.28 12.27
N VAL B 122 27.90 8.12 11.68
CA VAL B 122 26.87 8.03 10.64
C VAL B 122 25.50 8.33 11.25
N ALA B 123 25.23 7.80 12.45
CA ALA B 123 23.99 8.05 13.17
C ALA B 123 23.82 9.54 13.47
N THR B 124 24.89 10.22 13.92
CA THR B 124 24.86 11.66 14.20
C THR B 124 24.56 12.44 12.92
N ASP B 125 25.20 12.06 11.81
CA ASP B 125 24.98 12.71 10.51
C ASP B 125 23.51 12.56 10.07
N VAL B 126 22.89 11.40 10.32
CA VAL B 126 21.46 11.23 9.97
C VAL B 126 20.61 12.15 10.84
N CYS B 127 20.91 12.24 12.15
CA CYS B 127 20.17 13.13 13.07
C CYS B 127 20.22 14.57 12.59
N GLN B 128 21.44 15.04 12.25
CA GLN B 128 21.67 16.40 11.79
C GLN B 128 20.93 16.69 10.49
N PHE B 129 20.86 15.70 9.58
CA PHE B 129 20.14 15.88 8.32
C PHE B 129 18.62 15.95 8.57
N LEU B 130 18.07 15.04 9.39
CA LEU B 130 16.64 15.09 9.69
C LEU B 130 16.27 16.37 10.45
N GLU B 131 17.19 16.98 11.21
CA GLU B 131 16.93 18.28 11.84
C GLU B 131 16.70 19.35 10.76
N LEU B 132 17.49 19.31 9.67
CA LEU B 132 17.32 20.24 8.56
C LEU B 132 15.96 20.03 7.84
N CYS B 133 15.45 18.80 7.81
CA CYS B 133 14.16 18.48 7.19
C CYS B 133 12.97 18.88 8.10
N GLN B 134 13.20 19.09 9.41
CA GLN B 134 12.11 19.43 10.31
C GLN B 134 11.63 20.87 10.11
N SER B 135 10.31 21.05 10.02
CA SER B 135 9.73 22.37 9.86
C SER B 135 9.67 23.12 11.21
N PRO B 136 9.82 24.47 11.21
CA PRO B 136 9.66 25.22 12.47
C PRO B 136 8.26 25.13 13.09
N ASP B 137 7.22 24.83 12.28
N ASP B 137 7.22 24.82 12.28
CA ASP B 137 5.86 24.68 12.83
CA ASP B 137 5.85 24.67 12.78
C ASP B 137 5.45 23.18 13.01
C ASP B 137 5.45 23.19 13.06
N GLY B 138 6.42 22.27 13.05
CA GLY B 138 6.19 20.85 13.31
C GLY B 138 6.17 19.94 12.10
N GLY B 139 6.51 18.69 12.35
CA GLY B 139 6.59 17.69 11.29
C GLY B 139 7.86 17.86 10.46
N PHE B 140 8.07 16.94 9.52
CA PHE B 140 9.23 16.94 8.63
C PHE B 140 8.82 16.97 7.17
N GLY B 141 9.66 17.60 6.35
CA GLY B 141 9.49 17.65 4.91
C GLY B 141 10.36 16.64 4.19
N GLY B 142 10.18 16.51 2.88
CA GLY B 142 10.94 15.55 2.09
C GLY B 142 12.41 15.88 1.85
N GLY B 143 12.87 17.00 2.40
CA GLY B 143 14.24 17.45 2.28
C GLY B 143 14.43 18.81 2.95
N PRO B 144 15.68 19.30 3.08
CA PRO B 144 15.87 20.61 3.77
C PRO B 144 15.06 21.76 3.17
N GLY B 145 14.32 22.46 4.04
CA GLY B 145 13.51 23.61 3.62
C GLY B 145 12.19 23.26 2.94
N GLN B 146 11.88 21.96 2.74
CA GLN B 146 10.61 21.59 2.12
C GLN B 146 9.50 21.65 3.14
N TYR B 147 8.27 21.90 2.69
CA TYR B 147 7.11 21.99 3.59
C TYR B 147 6.86 20.65 4.27
N PRO B 148 6.35 20.66 5.50
CA PRO B 148 6.14 19.37 6.20
C PRO B 148 5.05 18.54 5.51
N HIS B 149 5.12 17.23 5.70
CA HIS B 149 4.16 16.31 5.11
C HIS B 149 4.13 15.06 6.01
N LEU B 150 2.97 14.46 6.23
CA LEU B 150 2.87 13.31 7.14
C LEU B 150 3.72 12.11 6.72
N ALA B 151 3.95 11.89 5.39
CA ALA B 151 4.73 10.70 4.97
C ALA B 151 6.23 10.83 5.37
N PRO B 152 6.96 11.90 4.98
CA PRO B 152 8.34 12.08 5.49
C PRO B 152 8.37 12.28 7.03
N THR B 153 7.28 12.79 7.67
CA THR B 153 7.24 12.90 9.15
C THR B 153 7.29 11.48 9.75
N TYR B 154 6.46 10.56 9.23
CA TYR B 154 6.45 9.17 9.66
C TYR B 154 7.84 8.53 9.46
N ALA B 155 8.42 8.72 8.26
CA ALA B 155 9.70 8.13 7.94
C ALA B 155 10.81 8.67 8.84
N ALA B 156 10.84 9.99 9.09
CA ALA B 156 11.89 10.61 9.90
C ALA B 156 11.83 10.13 11.34
N VAL B 157 10.61 10.08 11.93
CA VAL B 157 10.46 9.60 13.31
C VAL B 157 10.90 8.14 13.41
N ASN B 158 10.49 7.28 12.44
CA ASN B 158 10.92 5.87 12.46
C ASN B 158 12.46 5.78 12.34
N ALA B 159 13.08 6.54 11.41
CA ALA B 159 14.54 6.57 11.26
C ALA B 159 15.22 6.99 12.57
N LEU B 160 14.73 8.05 13.23
CA LEU B 160 15.31 8.50 14.50
C LEU B 160 15.12 7.45 15.61
N CYS B 161 13.99 6.72 15.62
CA CYS B 161 13.80 5.66 16.62
C CYS B 161 14.72 4.47 16.33
N ILE B 162 15.02 4.17 15.04
CA ILE B 162 15.98 3.10 14.71
C ILE B 162 17.36 3.48 15.25
N ILE B 163 17.75 4.76 15.13
CA ILE B 163 19.04 5.21 15.69
C ILE B 163 18.97 5.07 17.22
N GLY B 164 17.90 5.60 17.80
CA GLY B 164 17.57 5.41 19.22
C GLY B 164 18.50 6.00 20.24
N THR B 165 19.28 6.99 19.87
CA THR B 165 20.18 7.66 20.80
C THR B 165 19.43 8.83 21.43
N GLU B 166 19.95 9.39 22.56
CA GLU B 166 19.33 10.59 23.15
C GLU B 166 19.34 11.73 22.12
N GLU B 167 20.44 11.86 21.36
CA GLU B 167 20.55 12.86 20.29
C GLU B 167 19.38 12.70 19.28
N ALA B 168 19.13 11.47 18.82
CA ALA B 168 18.07 11.22 17.84
C ALA B 168 16.69 11.56 18.38
N TYR B 169 16.38 11.14 19.63
CA TYR B 169 15.07 11.44 20.22
C TYR B 169 14.92 12.95 20.38
N ASN B 170 15.99 13.65 20.81
CA ASN B 170 15.94 15.10 21.00
C ASN B 170 15.73 15.90 19.72
N VAL B 171 15.93 15.32 18.53
CA VAL B 171 15.68 16.05 17.27
C VAL B 171 14.21 16.47 17.18
N ILE B 172 13.29 15.59 17.57
CA ILE B 172 11.86 15.84 17.42
C ILE B 172 11.33 16.94 18.33
N ASN B 173 10.71 17.96 17.73
CA ASN B 173 10.06 19.04 18.47
C ASN B 173 8.63 18.53 18.71
N ARG B 174 8.40 17.96 19.90
CA ARG B 174 7.14 17.30 20.22
C ARG B 174 5.97 18.26 20.32
N GLU B 175 6.23 19.45 20.88
CA GLU B 175 5.23 20.49 21.04
C GLU B 175 4.71 20.92 19.65
N LYS B 176 5.64 21.17 18.72
CA LYS B 176 5.25 21.58 17.36
C LYS B 176 4.68 20.41 16.57
N LEU B 177 5.16 19.18 16.80
CA LEU B 177 4.61 18.01 16.09
C LEU B 177 3.13 17.86 16.43
N LEU B 178 2.76 18.04 17.72
CA LEU B 178 1.38 17.97 18.15
C LEU B 178 0.53 19.08 17.48
N GLN B 179 1.06 20.30 17.45
CA GLN B 179 0.39 21.44 16.81
C GLN B 179 0.16 21.14 15.32
N TYR B 180 1.16 20.59 14.67
CA TYR B 180 1.09 20.22 13.26
C TYR B 180 0.02 19.14 13.00
N LEU B 181 -0.05 18.09 13.84
CA LEU B 181 -1.05 17.04 13.66
C LEU B 181 -2.47 17.60 13.78
N TYR B 182 -2.68 18.49 14.76
CA TYR B 182 -3.98 19.15 14.92
C TYR B 182 -4.33 20.02 13.71
N SER B 183 -3.35 20.68 13.09
CA SER B 183 -3.62 21.50 11.91
C SER B 183 -4.11 20.63 10.72
N LEU B 184 -3.79 19.32 10.70
CA LEU B 184 -4.21 18.41 9.64
C LEU B 184 -5.48 17.64 9.98
N LYS B 185 -5.88 17.59 11.27
CA LYS B 185 -7.03 16.82 11.71
C LYS B 185 -8.33 17.42 11.15
N GLN B 186 -9.21 16.59 10.59
CA GLN B 186 -10.49 17.04 10.04
C GLN B 186 -11.64 16.70 10.98
N PRO B 187 -12.77 17.46 10.95
CA PRO B 187 -13.90 17.11 11.84
C PRO B 187 -14.45 15.69 11.67
N ASP B 188 -14.36 15.11 10.46
CA ASP B 188 -14.86 13.75 10.22
C ASP B 188 -13.92 12.61 10.81
N GLY B 189 -12.80 12.99 11.43
CA GLY B 189 -11.86 12.03 12.01
C GLY B 189 -10.60 11.79 11.19
N SER B 190 -10.64 12.17 9.91
CA SER B 190 -9.53 11.94 9.02
C SER B 190 -8.41 12.99 9.20
N PHE B 191 -7.29 12.79 8.52
CA PHE B 191 -6.18 13.72 8.55
C PHE B 191 -5.78 14.05 7.13
N LEU B 192 -5.48 15.32 6.84
CA LEU B 192 -4.86 15.70 5.56
C LEU B 192 -3.41 15.16 5.58
N MET B 193 -2.85 14.81 4.41
CA MET B 193 -1.44 14.38 4.34
C MET B 193 -0.52 15.58 4.58
N HIS B 194 -0.96 16.78 4.21
CA HIS B 194 -0.23 18.03 4.41
C HIS B 194 -1.23 19.20 4.28
N VAL B 195 -0.85 20.42 4.68
CA VAL B 195 -1.74 21.58 4.59
C VAL B 195 -2.12 21.82 3.12
N GLY B 196 -3.41 21.99 2.86
CA GLY B 196 -3.91 22.11 1.50
C GLY B 196 -3.76 20.84 0.68
N GLY B 197 -3.66 19.70 1.37
CA GLY B 197 -3.51 18.42 0.72
C GLY B 197 -4.81 17.66 0.75
N GLU B 198 -4.69 16.37 0.67
CA GLU B 198 -5.84 15.48 0.65
C GLU B 198 -5.75 14.45 1.76
N VAL B 199 -6.87 13.79 1.98
CA VAL B 199 -7.06 12.78 2.99
C VAL B 199 -6.93 11.39 2.36
N ASP B 200 -6.38 10.47 3.13
CA ASP B 200 -6.40 9.05 2.82
C ASP B 200 -5.99 8.27 4.10
N VAL B 201 -6.22 6.95 4.13
N VAL B 201 -6.24 6.96 4.15
CA VAL B 201 -5.93 6.12 5.30
CA VAL B 201 -5.98 6.20 5.38
C VAL B 201 -4.48 6.22 5.75
C VAL B 201 -4.48 6.17 5.76
N ARG B 202 -3.54 6.47 4.83
CA ARG B 202 -2.11 6.53 5.21
C ARG B 202 -1.88 7.64 6.19
N SER B 203 -2.60 8.77 6.06
CA SER B 203 -2.42 9.92 6.93
C SER B 203 -2.76 9.55 8.37
N ALA B 204 -3.85 8.78 8.57
CA ALA B 204 -4.24 8.38 9.93
C ALA B 204 -3.17 7.48 10.54
N TYR B 205 -2.58 6.58 9.74
CA TYR B 205 -1.52 5.72 10.23
C TYR B 205 -0.26 6.54 10.53
N CYS B 206 0.13 7.46 9.65
CA CYS B 206 1.30 8.33 9.87
C CYS B 206 1.15 9.07 11.19
N ALA B 207 -0.01 9.71 11.40
CA ALA B 207 -0.27 10.46 12.62
C ALA B 207 -0.29 9.54 13.85
N ALA B 208 -1.03 8.40 13.81
CA ALA B 208 -1.07 7.50 14.98
C ALA B 208 0.31 6.95 15.32
N SER B 209 1.13 6.66 14.31
CA SER B 209 2.46 6.11 14.51
C SER B 209 3.38 7.11 15.23
N VAL B 210 3.53 8.33 14.68
CA VAL B 210 4.41 9.31 15.29
C VAL B 210 3.87 9.80 16.64
N ALA B 211 2.55 9.94 16.76
CA ALA B 211 1.97 10.41 18.03
C ALA B 211 2.13 9.40 19.16
N SER B 212 1.97 8.08 18.88
CA SER B 212 2.13 7.07 19.95
C SER B 212 3.60 6.91 20.33
N LEU B 213 4.51 6.85 19.34
CA LEU B 213 5.93 6.71 19.64
C LEU B 213 6.46 7.87 20.47
N THR B 214 6.04 9.13 20.17
CA THR B 214 6.53 10.30 20.91
C THR B 214 5.68 10.71 22.11
N ASN B 215 4.64 9.94 22.45
CA ASN B 215 3.80 10.25 23.60
C ASN B 215 3.18 11.67 23.53
N ILE B 216 2.52 11.99 22.42
CA ILE B 216 1.85 13.29 22.29
C ILE B 216 0.33 13.12 22.06
N ILE B 217 -0.25 11.95 22.40
CA ILE B 217 -1.67 11.73 22.16
C ILE B 217 -2.48 12.42 23.25
N THR B 218 -3.25 13.43 22.87
CA THR B 218 -4.17 14.12 23.77
C THR B 218 -5.52 13.38 23.71
N PRO B 219 -6.46 13.67 24.64
CA PRO B 219 -7.74 12.94 24.62
C PRO B 219 -8.54 13.02 23.32
N ASP B 220 -8.52 14.14 22.60
CA ASP B 220 -9.32 14.30 21.39
C ASP B 220 -8.55 14.36 20.07
N LEU B 221 -7.22 14.16 20.06
CA LEU B 221 -6.47 14.18 18.79
C LEU B 221 -7.04 13.16 17.78
N PHE B 222 -7.40 11.95 18.21
CA PHE B 222 -7.93 10.94 17.29
C PHE B 222 -9.44 10.76 17.41
N GLU B 223 -10.16 11.81 17.81
CA GLU B 223 -11.63 11.75 17.88
C GLU B 223 -12.21 11.48 16.47
N GLY B 224 -12.96 10.40 16.33
CA GLY B 224 -13.57 10.01 15.08
C GLY B 224 -12.67 9.28 14.10
N THR B 225 -11.34 9.22 14.36
CA THR B 225 -10.42 8.59 13.42
C THR B 225 -10.67 7.11 13.18
N ALA B 226 -10.90 6.31 14.24
CA ALA B 226 -11.18 4.88 14.05
C ALA B 226 -12.46 4.65 13.21
N GLU B 227 -13.51 5.45 13.44
CA GLU B 227 -14.74 5.31 12.66
C GLU B 227 -14.49 5.70 11.19
N TRP B 228 -13.66 6.74 10.93
CA TRP B 228 -13.36 7.14 9.55
C TRP B 228 -12.60 6.00 8.86
N ILE B 229 -11.59 5.41 9.54
CA ILE B 229 -10.86 4.26 8.98
C ILE B 229 -11.83 3.11 8.67
N ALA B 230 -12.76 2.80 9.57
CA ALA B 230 -13.73 1.73 9.34
C ALA B 230 -14.59 1.97 8.11
N ARG B 231 -14.90 3.25 7.77
CA ARG B 231 -15.66 3.54 6.54
C ARG B 231 -14.87 3.14 5.27
N CYS B 232 -13.53 3.00 5.36
CA CYS B 232 -12.68 2.58 4.23
C CYS B 232 -12.69 1.06 4.01
N GLN B 233 -13.18 0.25 5.00
CA GLN B 233 -13.27 -1.20 4.76
C GLN B 233 -14.44 -1.39 3.82
N ASN B 234 -14.23 -2.13 2.71
CA ASN B 234 -15.26 -2.27 1.70
C ASN B 234 -15.82 -3.74 1.61
N TRP B 235 -16.71 -3.99 0.62
CA TRP B 235 -17.34 -5.28 0.31
C TRP B 235 -16.35 -6.44 0.17
N GLU B 236 -15.09 -6.16 -0.19
CA GLU B 236 -14.07 -7.19 -0.36
C GLU B 236 -13.50 -7.69 0.97
N GLY B 237 -13.58 -6.88 2.02
CA GLY B 237 -13.02 -7.21 3.34
C GLY B 237 -11.78 -6.39 3.65
N GLY B 238 -11.06 -5.97 2.62
CA GLY B 238 -9.89 -5.12 2.79
C GLY B 238 -10.29 -3.65 2.87
N ILE B 239 -9.31 -2.77 2.82
CA ILE B 239 -9.49 -1.35 2.99
C ILE B 239 -8.95 -0.56 1.82
N GLY B 240 -9.70 0.45 1.38
CA GLY B 240 -9.27 1.35 0.31
C GLY B 240 -8.66 2.62 0.87
N GLY B 241 -8.01 3.41 0.02
CA GLY B 241 -7.38 4.66 0.44
C GLY B 241 -8.36 5.65 1.03
N VAL B 242 -9.58 5.70 0.48
CA VAL B 242 -10.67 6.53 0.98
C VAL B 242 -11.96 5.70 0.83
N PRO B 243 -13.06 6.09 1.52
CA PRO B 243 -14.31 5.31 1.38
C PRO B 243 -14.79 5.22 -0.07
N GLY B 244 -15.23 4.03 -0.46
CA GLY B 244 -15.66 3.73 -1.83
C GLY B 244 -14.59 3.04 -2.65
N MET B 245 -13.31 3.23 -2.32
CA MET B 245 -12.21 2.68 -3.12
C MET B 245 -11.90 1.19 -2.92
N GLU B 246 -11.34 0.61 -3.98
CA GLU B 246 -10.95 -0.80 -4.02
C GLU B 246 -9.98 -1.15 -2.88
N ALA B 247 -10.13 -2.34 -2.32
CA ALA B 247 -9.27 -2.79 -1.24
C ALA B 247 -7.82 -2.92 -1.74
N HIS B 248 -6.86 -2.43 -0.96
CA HIS B 248 -5.47 -2.44 -1.38
C HIS B 248 -4.58 -2.69 -0.18
N GLY B 249 -3.58 -3.55 -0.37
CA GLY B 249 -2.70 -3.99 0.71
C GLY B 249 -2.02 -2.92 1.53
N GLY B 250 -1.46 -1.92 0.86
CA GLY B 250 -0.77 -0.83 1.54
C GLY B 250 -1.72 -0.04 2.43
N TYR B 251 -2.89 0.32 1.89
CA TYR B 251 -3.89 1.05 2.67
C TYR B 251 -4.51 0.17 3.75
N THR B 252 -4.64 -1.15 3.51
CA THR B 252 -5.19 -2.06 4.52
C THR B 252 -4.21 -2.18 5.69
N PHE B 253 -2.90 -2.26 5.40
CA PHE B 253 -1.89 -2.28 6.47
C PHE B 253 -2.01 -1.00 7.30
N CYS B 254 -2.03 0.17 6.64
CA CYS B 254 -2.16 1.46 7.31
C CYS B 254 -3.42 1.53 8.18
N GLY B 255 -4.54 1.06 7.65
CA GLY B 255 -5.80 1.08 8.37
C GLY B 255 -5.77 0.24 9.62
N LEU B 256 -5.42 -1.04 9.47
CA LEU B 256 -5.39 -1.92 10.63
C LEU B 256 -4.29 -1.50 11.62
N ALA B 257 -3.08 -1.16 11.17
CA ALA B 257 -2.01 -0.77 12.09
C ALA B 257 -2.41 0.49 12.90
N ALA B 258 -3.09 1.47 12.28
CA ALA B 258 -3.57 2.64 13.01
C ALA B 258 -4.61 2.22 14.07
N LEU B 259 -5.54 1.31 13.72
CA LEU B 259 -6.55 0.88 14.68
C LEU B 259 -5.92 0.10 15.83
N VAL B 260 -4.86 -0.67 15.58
CA VAL B 260 -4.15 -1.39 16.65
C VAL B 260 -3.52 -0.35 17.61
N ILE B 261 -2.90 0.73 17.09
CA ILE B 261 -2.33 1.79 17.94
C ILE B 261 -3.44 2.41 18.81
N LEU B 262 -4.58 2.72 18.19
CA LEU B 262 -5.72 3.32 18.89
C LEU B 262 -6.50 2.31 19.74
N LYS B 263 -6.20 1.00 19.66
CA LYS B 263 -6.91 -0.05 20.39
C LYS B 263 -8.37 -0.07 19.96
N LYS B 264 -8.62 0.07 18.66
CA LYS B 264 -9.97 0.14 18.11
C LYS B 264 -10.13 -0.84 16.94
N GLU B 265 -9.41 -1.99 16.96
CA GLU B 265 -9.47 -2.99 15.87
C GLU B 265 -10.88 -3.55 15.71
N ARG B 266 -11.66 -3.64 16.80
CA ARG B 266 -13.06 -4.11 16.74
C ARG B 266 -13.96 -3.21 15.87
N SER B 267 -13.47 -2.02 15.45
CA SER B 267 -14.27 -1.18 14.54
C SER B 267 -14.40 -1.86 13.16
N LEU B 268 -13.45 -2.74 12.78
CA LEU B 268 -13.49 -3.47 11.51
C LEU B 268 -14.14 -4.82 11.65
N ASN B 269 -14.59 -5.39 10.51
CA ASN B 269 -15.03 -6.76 10.44
C ASN B 269 -13.66 -7.50 10.24
N LEU B 270 -13.12 -8.07 11.30
CA LEU B 270 -11.81 -8.72 11.23
C LEU B 270 -11.85 -10.04 10.46
N LYS B 271 -13.01 -10.72 10.42
CA LYS B 271 -13.12 -11.99 9.68
C LYS B 271 -13.12 -11.76 8.16
N SER B 272 -13.84 -10.75 7.66
CA SER B 272 -13.81 -10.45 6.21
C SER B 272 -12.41 -9.90 5.82
N LEU B 273 -11.75 -9.18 6.73
CA LEU B 273 -10.39 -8.69 6.49
C LEU B 273 -9.40 -9.85 6.45
N LEU B 274 -9.51 -10.80 7.39
CA LEU B 274 -8.68 -11.99 7.40
C LEU B 274 -8.87 -12.80 6.11
N GLN B 275 -10.11 -13.06 5.69
CA GLN B 275 -10.32 -13.81 4.45
C GLN B 275 -9.75 -13.07 3.23
N TRP B 276 -9.84 -11.73 3.20
CA TRP B 276 -9.32 -10.96 2.08
C TRP B 276 -7.79 -11.04 2.00
N VAL B 277 -7.07 -10.78 3.11
CA VAL B 277 -5.60 -10.76 3.04
C VAL B 277 -5.03 -12.15 2.73
N THR B 278 -5.58 -13.21 3.33
CA THR B 278 -5.08 -14.56 3.05
C THR B 278 -5.26 -14.93 1.58
N SER B 279 -6.36 -14.44 0.96
CA SER B 279 -6.63 -14.62 -0.47
C SER B 279 -5.63 -13.86 -1.36
N ARG B 280 -4.90 -12.89 -0.83
CA ARG B 280 -3.93 -12.13 -1.64
C ARG B 280 -2.59 -12.84 -1.83
N GLN B 281 -2.36 -14.00 -1.16
CA GLN B 281 -1.13 -14.75 -1.40
C GLN B 281 -1.35 -15.54 -2.69
N MET B 282 -0.37 -15.48 -3.60
CA MET B 282 -0.47 -16.12 -4.91
C MET B 282 -0.15 -17.59 -4.79
N ARG B 283 -1.09 -18.46 -5.17
CA ARG B 283 -0.90 -19.91 -5.09
C ARG B 283 0.35 -20.41 -5.81
N PHE B 284 0.67 -19.85 -6.99
CA PHE B 284 1.81 -20.28 -7.75
C PHE B 284 3.10 -19.57 -7.32
N GLU B 285 3.12 -18.23 -7.37
CA GLU B 285 4.32 -17.45 -7.05
C GLU B 285 4.75 -17.54 -5.59
N GLY B 286 3.81 -17.62 -4.65
CA GLY B 286 4.14 -17.66 -3.22
C GLY B 286 4.17 -16.28 -2.58
N GLY B 287 4.40 -15.24 -3.38
CA GLY B 287 4.38 -13.86 -2.91
C GLY B 287 2.97 -13.33 -2.81
N PHE B 288 2.81 -12.05 -2.50
CA PHE B 288 1.49 -11.42 -2.39
C PHE B 288 1.25 -10.40 -3.47
N GLN B 289 -0.01 -10.28 -3.87
CA GLN B 289 -0.50 -9.22 -4.75
C GLN B 289 -1.07 -8.11 -3.84
N GLY B 290 -1.13 -6.89 -4.37
CA GLY B 290 -1.65 -5.74 -3.65
C GLY B 290 -3.16 -5.66 -3.68
N ARG B 291 -3.78 -6.19 -4.76
CA ARG B 291 -5.23 -6.16 -4.93
C ARG B 291 -5.64 -7.41 -5.68
N CYS B 292 -6.91 -7.80 -5.56
CA CYS B 292 -7.42 -8.97 -6.27
C CYS B 292 -7.21 -8.84 -7.81
N ASN B 293 -6.72 -9.90 -8.44
CA ASN B 293 -6.50 -9.98 -9.88
C ASN B 293 -5.39 -9.03 -10.40
N LYS B 294 -4.46 -8.65 -9.53
CA LYS B 294 -3.28 -7.88 -9.95
C LYS B 294 -2.03 -8.78 -9.77
N LEU B 295 -0.86 -8.30 -10.19
CA LEU B 295 0.35 -9.11 -10.17
C LEU B 295 1.03 -9.17 -8.81
N VAL B 296 1.83 -10.23 -8.63
CA VAL B 296 2.63 -10.41 -7.43
C VAL B 296 3.64 -9.28 -7.35
N ASP B 297 4.03 -8.89 -6.13
CA ASP B 297 5.05 -7.86 -5.97
C ASP B 297 5.67 -7.98 -4.59
N GLY B 298 7.00 -8.06 -4.56
CA GLY B 298 7.80 -8.20 -3.36
C GLY B 298 7.49 -7.25 -2.21
N CYS B 299 7.16 -5.96 -2.48
CA CYS B 299 6.86 -5.04 -1.37
C CYS B 299 5.62 -5.46 -0.60
N TYR B 300 4.66 -6.14 -1.26
CA TYR B 300 3.47 -6.63 -0.53
C TYR B 300 3.78 -7.78 0.40
N SER B 301 5.03 -8.30 0.39
CA SER B 301 5.51 -9.26 1.39
C SER B 301 5.38 -8.61 2.77
N PHE B 302 5.58 -7.27 2.88
CA PHE B 302 5.39 -6.60 4.16
C PHE B 302 3.93 -6.14 4.28
N TRP B 303 3.44 -5.31 3.32
CA TRP B 303 2.09 -4.72 3.48
C TRP B 303 0.99 -5.76 3.71
N GLN B 304 0.99 -6.87 2.95
CA GLN B 304 -0.02 -7.90 3.14
C GLN B 304 0.34 -8.88 4.29
N ALA B 305 1.53 -9.51 4.24
CA ALA B 305 1.90 -10.50 5.28
C ALA B 305 1.94 -9.89 6.68
N GLY B 306 2.32 -8.60 6.78
CA GLY B 306 2.35 -7.84 8.04
C GLY B 306 0.99 -7.70 8.69
N LEU B 307 -0.09 -7.82 7.92
CA LEU B 307 -1.44 -7.83 8.48
C LEU B 307 -1.75 -9.07 9.34
N LEU B 308 -1.11 -10.22 9.07
N LEU B 308 -1.09 -10.20 9.07
CA LEU B 308 -1.46 -11.45 9.81
CA LEU B 308 -1.42 -11.44 9.77
C LEU B 308 -0.96 -11.42 11.27
C LEU B 308 -0.93 -11.45 11.25
N PRO B 309 0.24 -10.90 11.61
CA PRO B 309 0.58 -10.73 13.05
C PRO B 309 -0.38 -9.70 13.71
N LEU B 310 -0.84 -8.67 12.96
CA LEU B 310 -1.79 -7.69 13.52
C LEU B 310 -3.15 -8.34 13.79
N LEU B 311 -3.63 -9.17 12.87
CA LEU B 311 -4.90 -9.88 13.06
C LEU B 311 -4.77 -10.94 14.14
N HIS B 312 -3.62 -11.60 14.26
CA HIS B 312 -3.42 -12.61 15.31
C HIS B 312 -3.52 -11.93 16.68
N ARG B 313 -2.84 -10.80 16.84
CA ARG B 313 -2.88 -10.02 18.09
C ARG B 313 -4.32 -9.53 18.36
N ALA B 314 -5.01 -9.00 17.35
CA ALA B 314 -6.38 -8.51 17.52
C ALA B 314 -7.32 -9.65 17.93
N LEU B 315 -7.23 -10.81 17.27
CA LEU B 315 -8.09 -11.95 17.62
C LEU B 315 -7.72 -12.57 18.96
N HIS B 316 -6.42 -12.62 19.31
CA HIS B 316 -5.97 -13.14 20.60
C HIS B 316 -6.54 -12.28 21.74
N ALA B 317 -6.57 -10.95 21.55
CA ALA B 317 -7.15 -10.02 22.53
C ALA B 317 -8.62 -10.32 22.80
N GLN B 318 -9.40 -10.73 21.77
CA GLN B 318 -10.81 -11.12 21.93
C GLN B 318 -10.99 -12.56 22.52
N GLY B 319 -9.90 -13.23 22.86
CA GLY B 319 -9.94 -14.58 23.41
C GLY B 319 -10.19 -15.67 22.39
N ASP B 320 -9.77 -15.48 21.12
CA ASP B 320 -9.99 -16.48 20.07
C ASP B 320 -9.23 -17.77 20.44
N PRO B 321 -9.90 -18.90 20.70
CA PRO B 321 -9.17 -20.11 21.10
C PRO B 321 -8.66 -20.96 19.93
N ALA B 322 -9.01 -20.62 18.67
CA ALA B 322 -8.62 -21.44 17.52
C ALA B 322 -7.31 -20.99 16.85
N LEU B 323 -6.62 -19.98 17.38
CA LEU B 323 -5.41 -19.47 16.76
C LEU B 323 -4.25 -20.44 16.87
N SER B 324 -3.39 -20.44 15.87
CA SER B 324 -2.18 -21.27 15.86
C SER B 324 -1.26 -20.78 17.00
N MET B 325 -0.48 -21.71 17.55
CA MET B 325 0.52 -21.38 18.57
C MET B 325 1.95 -21.49 17.97
N SER B 326 2.09 -21.52 16.63
CA SER B 326 3.38 -21.67 15.97
C SER B 326 3.54 -20.94 14.63
N HIS B 327 2.43 -20.61 13.93
CA HIS B 327 2.54 -20.00 12.59
C HIS B 327 1.55 -18.90 12.38
N TRP B 328 1.88 -17.97 11.48
CA TRP B 328 0.95 -16.93 11.05
C TRP B 328 -0.02 -17.60 10.06
N MET B 329 -1.14 -16.93 9.76
CA MET B 329 -2.12 -17.49 8.84
C MET B 329 -1.83 -17.17 7.38
N PHE B 330 -0.59 -17.39 6.95
CA PHE B 330 -0.19 -17.34 5.54
C PHE B 330 0.89 -18.40 5.36
N HIS B 331 1.21 -18.75 4.10
CA HIS B 331 2.19 -19.79 3.85
C HIS B 331 3.57 -19.13 3.98
N GLN B 332 4.12 -19.15 5.19
CA GLN B 332 5.41 -18.52 5.49
C GLN B 332 6.52 -19.06 4.61
N GLN B 333 6.57 -20.38 4.43
CA GLN B 333 7.59 -21.00 3.59
C GLN B 333 7.51 -20.50 2.13
N ALA B 334 6.32 -20.53 1.51
CA ALA B 334 6.17 -20.08 0.12
C ALA B 334 6.56 -18.60 -0.03
N LEU B 335 6.26 -17.74 0.97
CA LEU B 335 6.63 -16.32 0.86
C LEU B 335 8.15 -16.18 0.90
N GLN B 336 8.83 -16.90 1.80
CA GLN B 336 10.30 -16.85 1.88
C GLN B 336 10.95 -17.35 0.58
N GLU B 337 10.39 -18.41 -0.02
CA GLU B 337 10.89 -18.94 -1.28
C GLU B 337 10.74 -17.92 -2.40
N TYR B 338 9.59 -17.21 -2.46
CA TYR B 338 9.41 -16.17 -3.48
C TYR B 338 10.46 -15.04 -3.29
N ILE B 339 10.63 -14.54 -2.04
CA ILE B 339 11.58 -13.46 -1.80
C ILE B 339 13.02 -13.91 -2.11
N LEU B 340 13.43 -15.06 -1.58
CA LEU B 340 14.81 -15.54 -1.78
C LEU B 340 15.14 -15.93 -3.22
N MET B 341 14.22 -16.59 -3.94
CA MET B 341 14.51 -17.00 -5.31
C MET B 341 14.20 -15.94 -6.37
N CYS B 342 13.18 -15.09 -6.15
CA CYS B 342 12.74 -14.16 -7.19
C CYS B 342 13.01 -12.70 -6.92
N CYS B 343 13.22 -12.27 -5.67
CA CYS B 343 13.30 -10.83 -5.39
C CYS B 343 14.67 -10.30 -5.12
N GLN B 344 15.74 -11.12 -5.16
CA GLN B 344 17.08 -10.59 -4.93
C GLN B 344 17.76 -10.18 -6.23
N CYS B 345 18.40 -9.01 -6.23
CA CYS B 345 19.18 -8.56 -7.36
C CYS B 345 20.58 -9.17 -7.16
N PRO B 346 21.22 -9.77 -8.20
CA PRO B 346 22.59 -10.30 -8.01
C PRO B 346 23.62 -9.29 -7.50
N ALA B 347 23.50 -8.02 -7.89
CA ALA B 347 24.42 -6.95 -7.47
C ALA B 347 24.07 -6.36 -6.06
N GLY B 348 23.03 -6.87 -5.39
CA GLY B 348 22.60 -6.33 -4.10
C GLY B 348 21.31 -5.55 -4.25
N GLY B 349 20.51 -5.53 -3.21
CA GLY B 349 19.20 -4.91 -3.22
C GLY B 349 18.13 -5.92 -3.62
N LEU B 350 16.88 -5.60 -3.26
CA LEU B 350 15.75 -6.47 -3.61
C LEU B 350 14.75 -5.73 -4.53
N LEU B 351 13.80 -6.47 -5.09
CA LEU B 351 12.92 -5.96 -6.12
C LEU B 351 11.53 -6.55 -6.11
N ASP B 352 10.65 -5.91 -6.89
CA ASP B 352 9.25 -6.27 -7.04
C ASP B 352 9.13 -7.71 -7.54
N LYS B 353 9.71 -8.00 -8.69
CA LYS B 353 9.66 -9.34 -9.30
C LYS B 353 10.82 -9.46 -10.30
N PRO B 354 11.15 -10.68 -10.79
CA PRO B 354 12.26 -10.80 -11.76
C PRO B 354 12.04 -9.93 -12.99
N GLY B 355 13.11 -9.31 -13.47
CA GLY B 355 13.03 -8.40 -14.60
C GLY B 355 12.91 -6.95 -14.18
N LYS B 356 12.52 -6.67 -12.92
CA LYS B 356 12.41 -5.30 -12.43
C LYS B 356 13.75 -4.81 -11.89
N SER B 357 13.91 -3.51 -11.71
CA SER B 357 15.14 -2.93 -11.18
C SER B 357 15.06 -2.84 -9.66
N ARG B 358 16.21 -2.99 -9.01
CA ARG B 358 16.30 -2.84 -7.56
C ARG B 358 16.03 -1.39 -7.13
N ASP B 359 15.59 -1.21 -5.88
CA ASP B 359 15.43 0.11 -5.28
C ASP B 359 15.39 -0.02 -3.75
N PHE B 360 15.60 1.07 -3.03
CA PHE B 360 15.62 1.01 -1.56
C PHE B 360 14.25 0.72 -0.95
N TYR B 361 13.18 1.12 -1.64
CA TYR B 361 11.81 0.86 -1.21
C TYR B 361 11.56 -0.66 -1.17
N HIS B 362 11.81 -1.37 -2.28
CA HIS B 362 11.63 -2.83 -2.34
C HIS B 362 12.63 -3.55 -1.45
N THR B 363 13.85 -3.00 -1.29
CA THR B 363 14.85 -3.61 -0.39
C THR B 363 14.30 -3.61 1.04
N CYS B 364 13.72 -2.47 1.47
CA CYS B 364 13.15 -2.35 2.81
C CYS B 364 11.98 -3.33 3.02
N TYR B 365 10.98 -3.33 2.15
CA TYR B 365 9.77 -4.11 2.38
C TYR B 365 9.90 -5.62 2.04
N CYS B 366 10.78 -6.02 1.09
CA CYS B 366 11.03 -7.45 0.88
C CYS B 366 11.69 -8.04 2.13
N LEU B 367 12.71 -7.34 2.69
CA LEU B 367 13.37 -7.82 3.91
C LEU B 367 12.43 -7.76 5.13
N SER B 368 11.57 -6.74 5.23
CA SER B 368 10.62 -6.67 6.35
C SER B 368 9.63 -7.82 6.25
N GLY B 369 9.15 -8.12 5.05
CA GLY B 369 8.25 -9.25 4.85
C GLY B 369 8.93 -10.58 5.11
N LEU B 370 10.20 -10.72 4.72
CA LEU B 370 10.98 -11.94 4.97
C LEU B 370 11.10 -12.16 6.50
N SER B 371 11.39 -11.09 7.27
CA SER B 371 11.49 -11.18 8.72
C SER B 371 10.14 -11.56 9.36
N ILE B 372 9.00 -10.99 8.89
CA ILE B 372 7.67 -11.38 9.40
C ILE B 372 7.47 -12.90 9.14
N ALA B 373 7.82 -13.34 7.93
CA ALA B 373 7.67 -14.74 7.54
C ALA B 373 8.51 -15.69 8.32
N GLN B 374 9.64 -15.21 8.88
CA GLN B 374 10.51 -16.10 9.65
C GLN B 374 10.12 -16.22 11.09
N HIS B 375 9.57 -15.15 11.69
CA HIS B 375 9.34 -15.09 13.12
C HIS B 375 7.89 -15.01 13.54
N PHE B 376 7.40 -16.07 14.23
CA PHE B 376 6.07 -16.08 14.82
C PHE B 376 6.26 -15.87 16.32
N GLY B 377 5.39 -15.07 16.91
CA GLY B 377 5.41 -14.86 18.36
C GLY B 377 4.03 -14.48 18.84
N SER B 378 3.54 -15.12 19.91
CA SER B 378 2.25 -14.78 20.51
C SER B 378 2.20 -15.34 21.93
N GLY B 379 2.05 -14.45 22.91
CA GLY B 379 2.03 -14.87 24.31
C GLY B 379 3.41 -15.40 24.68
N ALA B 380 3.46 -16.58 25.31
CA ALA B 380 4.74 -17.21 25.63
C ALA B 380 5.25 -18.13 24.49
N MET B 381 4.56 -18.17 23.31
CA MET B 381 4.98 -19.05 22.21
C MET B 381 5.81 -18.31 21.19
N LEU B 382 6.92 -18.90 20.78
CA LEU B 382 7.81 -18.34 19.75
C LEU B 382 8.19 -19.48 18.82
N HIS B 383 8.14 -19.27 17.50
CA HIS B 383 8.49 -20.31 16.55
C HIS B 383 9.02 -19.71 15.26
N ASP B 384 10.24 -20.11 14.87
CA ASP B 384 10.87 -19.59 13.67
C ASP B 384 10.82 -20.60 12.53
N VAL B 385 10.71 -20.08 11.30
CA VAL B 385 10.76 -20.85 10.06
C VAL B 385 11.82 -20.12 9.23
N VAL B 386 13.01 -20.68 9.08
CA VAL B 386 14.08 -20.04 8.31
C VAL B 386 14.38 -20.91 7.11
N MET B 387 13.80 -20.59 5.95
CA MET B 387 14.05 -21.34 4.73
C MET B 387 15.47 -21.03 4.22
N GLY B 388 16.11 -22.04 3.64
CA GLY B 388 17.46 -21.91 3.13
C GLY B 388 18.50 -22.05 4.22
N VAL B 389 19.69 -21.50 4.01
CA VAL B 389 20.76 -21.60 4.99
C VAL B 389 20.37 -20.92 6.32
N PRO B 390 20.86 -21.41 7.49
CA PRO B 390 20.47 -20.75 8.76
C PRO B 390 20.90 -19.28 8.85
N GLU B 391 21.95 -18.88 8.11
CA GLU B 391 22.40 -17.48 8.11
C GLU B 391 21.34 -16.53 7.55
N ASN B 392 20.30 -17.03 6.86
CA ASN B 392 19.23 -16.19 6.33
C ASN B 392 18.38 -15.49 7.39
N VAL B 393 18.44 -15.94 8.64
CA VAL B 393 17.60 -15.37 9.69
C VAL B 393 17.87 -13.88 9.89
N LEU B 394 16.81 -13.09 9.82
CA LEU B 394 16.87 -11.64 9.99
C LEU B 394 16.50 -11.25 11.42
N GLN B 395 16.77 -10.00 11.79
CA GLN B 395 16.32 -9.48 13.07
C GLN B 395 14.80 -9.28 12.99
N PRO B 396 14.08 -9.41 14.12
CA PRO B 396 12.62 -9.23 14.09
C PRO B 396 12.21 -7.78 13.80
N THR B 397 11.00 -7.61 13.28
CA THR B 397 10.42 -6.29 13.04
C THR B 397 9.07 -6.24 13.75
N HIS B 398 8.72 -5.07 14.25
CA HIS B 398 7.46 -4.87 14.95
C HIS B 398 6.39 -4.70 13.85
N PRO B 399 5.28 -5.48 13.86
CA PRO B 399 4.32 -5.38 12.76
C PRO B 399 3.55 -4.08 12.70
N VAL B 400 3.47 -3.28 13.78
CA VAL B 400 2.74 -2.00 13.72
C VAL B 400 3.62 -0.90 13.06
N TYR B 401 4.84 -0.71 13.58
CA TYR B 401 5.72 0.39 13.16
C TYR B 401 6.74 0.03 12.09
N ASN B 402 7.01 -1.27 11.92
CA ASN B 402 8.02 -1.75 11.00
C ASN B 402 9.41 -1.16 11.28
N ILE B 403 9.77 -1.18 12.57
CA ILE B 403 11.11 -0.94 13.10
C ILE B 403 11.31 -2.10 14.09
N GLY B 404 12.52 -2.33 14.56
CA GLY B 404 12.79 -3.41 15.50
C GLY B 404 11.97 -3.28 16.77
N PRO B 405 11.41 -4.39 17.29
CA PRO B 405 10.65 -4.30 18.56
C PRO B 405 11.43 -3.65 19.71
N ASP B 406 12.74 -3.88 19.79
CA ASP B 406 13.60 -3.26 20.80
C ASP B 406 13.59 -1.71 20.66
N LYS B 407 13.59 -1.22 19.43
CA LYS B 407 13.57 0.22 19.14
C LYS B 407 12.22 0.84 19.50
N VAL B 408 11.12 0.09 19.31
CA VAL B 408 9.81 0.57 19.69
C VAL B 408 9.77 0.73 21.21
N ILE B 409 10.23 -0.29 21.96
CA ILE B 409 10.20 -0.22 23.44
C ILE B 409 11.10 0.90 23.92
N GLN B 410 12.29 1.02 23.35
CA GLN B 410 13.24 2.05 23.74
C GLN B 410 12.66 3.46 23.51
N ALA B 411 12.03 3.72 22.35
CA ALA B 411 11.47 5.02 22.05
C ALA B 411 10.26 5.30 22.92
N THR B 412 9.34 4.32 23.05
CA THR B 412 8.13 4.55 23.83
C THR B 412 8.47 4.80 25.29
N THR B 413 9.42 4.04 25.83
CA THR B 413 9.96 4.17 27.20
C THR B 413 10.57 5.59 27.39
N HIS B 414 11.35 6.06 26.42
CA HIS B 414 11.99 7.36 26.51
C HIS B 414 10.93 8.47 26.55
N PHE B 415 9.99 8.50 25.60
CA PHE B 415 8.99 9.58 25.52
C PHE B 415 7.92 9.50 26.60
N LEU B 416 7.69 8.32 27.21
CA LEU B 416 6.78 8.21 28.34
C LEU B 416 7.34 8.90 29.60
N GLN B 417 8.64 9.24 29.64
CA GLN B 417 9.20 9.99 30.75
C GLN B 417 8.88 11.51 30.60
N LYS B 418 8.31 11.95 29.45
CA LYS B 418 7.95 13.35 29.20
C LYS B 418 6.44 13.49 29.25
N PRO B 419 5.94 14.64 29.71
CA PRO B 419 4.49 14.83 29.71
C PRO B 419 3.98 14.99 28.27
N VAL B 420 2.68 14.75 28.07
CA VAL B 420 2.04 15.01 26.78
C VAL B 420 2.08 16.56 26.61
N PRO B 421 2.53 17.14 25.47
CA PRO B 421 2.62 18.61 25.40
C PRO B 421 1.29 19.32 25.55
N GLY B 422 1.36 20.55 26.02
CA GLY B 422 0.20 21.43 26.11
C GLY B 422 0.07 22.24 24.82
N PHE B 423 -0.89 23.16 24.80
CA PHE B 423 -1.11 24.03 23.65
C PHE B 423 -0.42 25.38 23.88
N GLU B 424 0.00 26.05 22.80
CA GLU B 424 0.61 27.37 22.93
C GLU B 424 -0.48 28.36 23.33
#